data_7DFP
#
_entry.id   7DFP
#
_cell.length_a   161.900
_cell.length_b   40.500
_cell.length_c   165.900
_cell.angle_alpha   90.000
_cell.angle_beta   116.500
_cell.angle_gamma   90.000
#
_symmetry.space_group_name_H-M   'C 1 2 1'
#
loop_
_entity.id
_entity.type
_entity.pdbx_description
1 polymer 'D(2) dopamine receptor,Soluble cytochrome b562'
2 polymer FabL
3 polymer FabH
4 non-polymer 8-[4-(4-fluorophenyl)-4-oxidanylidene-butyl]-1-phenyl-1,3,8-triazaspiro[4.5]decan-4-one
#
loop_
_entity_poly.entity_id
_entity_poly.type
_entity_poly.pdbx_seq_one_letter_code
_entity_poly.pdbx_strand_id
1 'polypeptide(L)'
;MNYYATLLTLLIAVIVFGNVLVCMAVSREKALQTTTNYLIVSLAVADLLVATLVMPWVVYLEVVGEWKFSRIHCDIFVTL
DVMMCTAKIWNLCAISIDRYTAVAMPMLYNTRYSSKRRVTVMISIVWVLSFTISCPLLFGLNNADQNECIIANPAFVVYS
SIVSFYVPFIVTLLVYIKIYIVLRRRRADLEDNWETLNDNLKVIEKADNAAQVKDALTKMRAAALDAGSGSGDILVGQID
DALKLANEGKVKEAQAAAEQLKTTINAYIQKYGSQQKEKKATQMLAIVLGVFIICWLPFFITHILNIHCDCNIPPVLYSA
FTWLGYVNSAVNPIIYTTFNIEFRKAFLKILHCGENLYFQ
;
A
2 'polypeptide(L)'
;DIVMTQTTSSLSASLGDRVTISCRASQDISNYLNWYQQKPDGTVKLLLYYTSRLHSGVPSRFSGSGSGTDYSLTISNLEP
EDIATYYCQQYSKLPRTFGGGTKLEIKRADAAPTVSIFPPSSEQLTSGGASVVCFLNNFYPKDINVKWKIDGSERQNGVL
NSWTDQDSKDSTYSMSSTLTLTKDEYERHNSYTCEATHKTSTSPIVKSFNRNECN
;
B
3 'polypeptide(L)'
;EVQLQQSGAELVKPGASVKISCKASGYSFTGYNMNWVKQSRGKSLEWIGYINPFYGTTNYNQRFKGKATLTVDKSSSTAY
IQLNSLTSEDSAVYYCARRYLTGTGAMDYWGQGTSVTVSSAKTTPPSVYPLAPGCGDTTGSSVTLGCLVKGYFPESVTVT
WNSGSLSSSVHTFPALLQSGLYTMSSSVTVPSSTWPSQTVTCSVAHPASSTTVDKKLEPS
;
C
#
# COMPACT_ATOMS: atom_id res chain seq x y z
N ASN A 2 -9.41 5.48 20.85
CA ASN A 2 -10.47 6.00 21.72
C ASN A 2 -10.82 5.01 22.82
N TYR A 3 -10.96 3.74 22.45
CA TYR A 3 -11.17 2.67 23.42
C TYR A 3 -9.88 2.29 24.14
N TYR A 4 -8.95 1.66 23.42
CA TYR A 4 -7.64 1.30 23.94
C TYR A 4 -6.76 2.51 24.27
N ALA A 5 -7.10 3.69 23.79
CA ALA A 5 -6.38 4.92 24.12
C ALA A 5 -6.05 5.07 25.61
N THR A 6 -7.07 5.18 26.47
CA THR A 6 -6.80 5.28 27.90
C THR A 6 -6.21 4.01 28.48
N LEU A 7 -6.55 2.85 27.93
CA LEU A 7 -6.11 1.62 28.58
C LEU A 7 -4.60 1.47 28.44
N LEU A 8 -4.10 1.60 27.21
CA LEU A 8 -2.66 1.62 27.07
C LEU A 8 -2.01 2.86 27.68
N THR A 9 -2.73 3.98 27.86
CA THR A 9 -2.11 5.05 28.65
C THR A 9 -1.82 4.58 30.07
N LEU A 10 -2.73 3.77 30.62
CA LEU A 10 -2.54 3.18 31.94
C LEU A 10 -1.37 2.21 31.97
N LEU A 11 -1.24 1.41 30.90
CA LEU A 11 -0.08 0.54 30.80
C LEU A 11 1.22 1.32 30.73
N ILE A 12 1.26 2.40 29.95
CA ILE A 12 2.46 3.24 29.90
C ILE A 12 2.83 3.74 31.29
N ALA A 13 1.84 4.26 32.03
CA ALA A 13 2.11 4.77 33.37
C ALA A 13 2.60 3.66 34.31
N VAL A 14 2.00 2.48 34.22
CA VAL A 14 2.44 1.36 35.05
C VAL A 14 3.89 1.00 34.76
N ILE A 15 4.25 0.91 33.48
CA ILE A 15 5.62 0.60 33.10
C ILE A 15 6.58 1.63 33.67
N VAL A 16 6.28 2.92 33.47
CA VAL A 16 7.15 3.99 33.95
C VAL A 16 7.34 3.87 35.46
N PHE A 17 6.25 3.73 36.21
CA PHE A 17 6.34 3.65 37.66
C PHE A 17 7.19 2.47 38.10
N GLY A 18 6.90 1.28 37.56
CA GLY A 18 7.64 0.09 37.96
C GLY A 18 9.13 0.21 37.70
N ASN A 19 9.50 0.72 36.52
CA ASN A 19 10.92 0.78 36.21
C ASN A 19 11.64 1.85 37.01
N VAL A 20 11.00 3.01 37.23
CA VAL A 20 11.59 4.01 38.12
C VAL A 20 11.77 3.44 39.52
N LEU A 21 10.81 2.64 39.97
CA LEU A 21 10.93 1.98 41.28
C LEU A 21 12.13 1.07 41.33
N VAL A 22 12.30 0.22 40.31
CA VAL A 22 13.46 -0.66 40.25
C VAL A 22 14.76 0.13 40.31
N CYS A 23 14.84 1.18 39.48
CA CYS A 23 16.07 1.98 39.41
C CYS A 23 16.39 2.60 40.77
N MET A 24 15.40 3.21 41.43
CA MET A 24 15.66 3.82 42.73
C MET A 24 16.05 2.77 43.76
N ALA A 25 15.34 1.63 43.78
CA ALA A 25 15.62 0.58 44.75
C ALA A 25 17.06 0.09 44.64
N VAL A 26 17.57 -0.06 43.42
CA VAL A 26 18.97 -0.46 43.29
C VAL A 26 19.90 0.72 43.58
N SER A 27 19.46 1.94 43.26
CA SER A 27 20.33 3.11 43.40
C SER A 27 20.68 3.37 44.87
N ARG A 28 19.70 3.28 45.77
CA ARG A 28 19.96 3.70 47.14
C ARG A 28 20.36 2.54 48.06
N GLU A 29 19.85 1.33 47.83
CA GLU A 29 20.12 0.21 48.72
C GLU A 29 21.38 -0.51 48.28
N LYS A 30 22.33 -0.66 49.20
CA LYS A 30 23.62 -1.25 48.89
C LYS A 30 23.59 -2.77 48.86
N ALA A 31 22.58 -3.39 49.45
CA ALA A 31 22.46 -4.85 49.36
C ALA A 31 22.26 -5.32 47.93
N LEU A 32 21.66 -4.47 47.09
CA LEU A 32 21.39 -4.81 45.70
C LEU A 32 22.49 -4.37 44.74
N GLN A 33 23.49 -3.63 45.22
CA GLN A 33 24.48 -3.02 44.32
C GLN A 33 25.51 -4.07 43.92
N THR A 34 25.14 -4.83 42.89
CA THR A 34 26.01 -5.83 42.28
C THR A 34 25.99 -5.65 40.76
N THR A 35 26.87 -6.39 40.10
CA THR A 35 27.06 -6.22 38.65
C THR A 35 25.84 -6.69 37.88
N THR A 36 25.33 -7.88 38.20
CA THR A 36 24.14 -8.39 37.54
C THR A 36 22.94 -7.47 37.77
N ASN A 37 22.82 -6.92 38.98
CA ASN A 37 21.76 -5.95 39.22
C ASN A 37 22.01 -4.64 38.49
N TYR A 38 23.28 -4.29 38.25
CA TYR A 38 23.56 -3.16 37.37
C TYR A 38 23.02 -3.39 35.97
N LEU A 39 23.25 -4.60 35.43
CA LEU A 39 22.68 -4.94 34.13
C LEU A 39 21.15 -4.90 34.18
N ILE A 40 20.57 -5.33 35.29
CA ILE A 40 19.11 -5.28 35.45
C ILE A 40 18.62 -3.84 35.41
N VAL A 41 19.37 -2.92 36.02
CA VAL A 41 18.98 -1.52 36.01
C VAL A 41 19.12 -0.93 34.61
N SER A 42 20.14 -1.37 33.86
CA SER A 42 20.23 -0.95 32.46
C SER A 42 19.01 -1.43 31.66
N LEU A 43 18.58 -2.67 31.90
CA LEU A 43 17.37 -3.18 31.26
C LEU A 43 16.14 -2.35 31.65
N ALA A 44 16.07 -1.95 32.93
CA ALA A 44 14.95 -1.14 33.38
C ALA A 44 14.97 0.24 32.72
N VAL A 45 16.16 0.82 32.54
CA VAL A 45 16.26 2.09 31.83
C VAL A 45 15.79 1.93 30.39
N ALA A 46 16.16 0.81 29.75
CA ALA A 46 15.70 0.54 28.40
C ALA A 46 14.17 0.50 28.34
N ASP A 47 13.55 -0.24 29.26
CA ASP A 47 12.09 -0.34 29.27
C ASP A 47 11.44 1.01 29.55
N LEU A 48 12.05 1.81 30.43
CA LEU A 48 11.55 3.15 30.71
C LEU A 48 11.59 4.02 29.46
N LEU A 49 12.69 3.93 28.71
CA LEU A 49 12.79 4.69 27.46
C LEU A 49 11.75 4.24 26.46
N VAL A 50 11.50 2.93 26.38
CA VAL A 50 10.43 2.42 25.51
C VAL A 50 9.10 3.07 25.90
N ALA A 51 8.75 2.98 27.18
CA ALA A 51 7.46 3.50 27.64
C ALA A 51 7.33 5.00 27.43
N THR A 52 8.42 5.74 27.60
CA THR A 52 8.34 7.20 27.57
C THR A 52 8.39 7.75 26.15
N LEU A 53 9.38 7.32 25.36
CA LEU A 53 9.64 7.94 24.08
C LEU A 53 8.82 7.36 22.93
N VAL A 54 8.65 6.05 22.90
CA VAL A 54 8.10 5.36 21.73
C VAL A 54 6.61 5.07 21.88
N MET A 55 6.21 4.49 23.01
CA MET A 55 4.84 4.05 23.17
C MET A 55 3.77 5.13 22.96
N PRO A 56 3.97 6.40 23.33
CA PRO A 56 2.92 7.41 23.05
C PRO A 56 2.54 7.49 21.57
N TRP A 57 3.53 7.48 20.67
CA TRP A 57 3.22 7.56 19.25
C TRP A 57 2.55 6.28 18.75
N VAL A 58 2.90 5.14 19.33
CA VAL A 58 2.21 3.90 18.95
C VAL A 58 0.76 3.95 19.40
N VAL A 59 0.49 4.55 20.56
CA VAL A 59 -0.89 4.75 20.99
C VAL A 59 -1.61 5.72 20.05
N TYR A 60 -0.90 6.76 19.61
CA TYR A 60 -1.48 7.71 18.66
C TYR A 60 -1.88 7.01 17.36
N LEU A 61 -1.02 6.12 16.87
CA LEU A 61 -1.34 5.37 15.66
C LEU A 61 -2.47 4.37 15.88
N GLU A 62 -2.53 3.77 17.07
CA GLU A 62 -3.63 2.86 17.38
C GLU A 62 -4.95 3.62 17.50
N VAL A 63 -4.90 4.91 17.82
CA VAL A 63 -6.12 5.69 17.96
C VAL A 63 -6.58 6.21 16.61
N VAL A 64 -5.74 6.99 15.92
CA VAL A 64 -6.20 7.68 14.72
C VAL A 64 -6.02 6.85 13.44
N GLY A 65 -5.11 5.88 13.43
CA GLY A 65 -4.93 5.03 12.28
C GLY A 65 -4.14 5.61 11.13
N GLU A 66 -3.72 6.87 11.23
CA GLU A 66 -2.95 7.53 10.18
C GLU A 66 -1.86 8.36 10.83
N TRP A 67 -0.60 8.10 10.48
CA TRP A 67 0.51 8.87 11.00
C TRP A 67 0.52 10.25 10.35
N LYS A 68 0.08 11.26 11.08
CA LYS A 68 -0.11 12.60 10.54
C LYS A 68 1.07 13.52 10.80
N PHE A 69 2.28 12.98 10.86
CA PHE A 69 3.48 13.78 11.09
C PHE A 69 4.51 13.47 10.00
N SER A 70 5.64 14.17 10.07
CA SER A 70 6.65 14.14 9.04
C SER A 70 7.27 12.75 8.93
N ARG A 71 7.88 12.48 7.77
CA ARG A 71 8.57 11.21 7.56
C ARG A 71 9.78 11.08 8.47
N ILE A 72 10.50 12.18 8.71
CA ILE A 72 11.65 12.14 9.61
C ILE A 72 11.19 11.85 11.04
N HIS A 73 10.04 12.38 11.44
CA HIS A 73 9.47 12.08 12.75
C HIS A 73 9.30 10.57 12.94
N CYS A 74 8.58 9.94 12.00
CA CYS A 74 8.37 8.50 12.05
C CYS A 74 9.69 7.74 12.01
N ASP A 75 10.60 8.15 11.13
CA ASP A 75 11.89 7.46 11.04
C ASP A 75 12.63 7.50 12.37
N ILE A 76 12.67 8.67 13.01
CA ILE A 76 13.40 8.82 14.26
C ILE A 76 12.78 7.95 15.34
N PHE A 77 11.45 7.97 15.46
CA PHE A 77 10.86 7.21 16.56
C PHE A 77 10.83 5.71 16.29
N VAL A 78 10.77 5.29 15.02
CA VAL A 78 10.94 3.87 14.72
C VAL A 78 12.37 3.43 15.02
N THR A 79 13.34 4.30 14.74
CA THR A 79 14.72 4.03 15.12
C THR A 79 14.83 3.82 16.63
N LEU A 80 14.20 4.71 17.40
CA LEU A 80 14.20 4.57 18.85
C LEU A 80 13.55 3.26 19.29
N ASP A 81 12.42 2.91 18.68
CA ASP A 81 11.73 1.66 19.00
C ASP A 81 12.66 0.46 18.81
N VAL A 82 13.19 0.31 17.60
CA VAL A 82 14.04 -0.83 17.28
C VAL A 82 15.27 -0.85 18.18
N MET A 83 15.88 0.31 18.41
CA MET A 83 17.08 0.38 19.22
C MET A 83 16.82 -0.05 20.65
N MET A 84 15.70 0.42 21.23
CA MET A 84 15.41 0.09 22.62
C MET A 84 15.06 -1.39 22.77
N CYS A 85 14.34 -1.96 21.80
CA CYS A 85 14.02 -3.39 21.90
C CYS A 85 15.26 -4.26 21.72
N THR A 86 16.10 -3.91 20.75
CA THR A 86 17.37 -4.61 20.58
C THR A 86 18.24 -4.48 21.83
N ALA A 87 18.22 -3.31 22.46
CA ALA A 87 18.93 -3.12 23.72
C ALA A 87 18.39 -4.02 24.81
N LYS A 88 17.06 -4.16 24.88
CA LYS A 88 16.46 -5.04 25.88
C LYS A 88 16.95 -6.48 25.70
N ILE A 89 16.90 -6.99 24.47
CA ILE A 89 17.25 -8.39 24.27
C ILE A 89 18.75 -8.61 24.46
N TRP A 90 19.57 -7.66 24.02
CA TRP A 90 21.01 -7.83 24.22
C TRP A 90 21.40 -7.66 25.68
N ASN A 91 20.67 -6.83 26.43
CA ASN A 91 20.87 -6.78 27.88
C ASN A 91 20.51 -8.11 28.54
N LEU A 92 19.45 -8.75 28.06
CA LEU A 92 19.12 -10.08 28.56
C LEU A 92 20.26 -11.06 28.27
N CYS A 93 20.83 -10.99 27.07
CA CYS A 93 21.97 -11.84 26.74
C CYS A 93 23.16 -11.56 27.65
N ALA A 94 23.46 -10.29 27.89
CA ALA A 94 24.56 -9.93 28.77
C ALA A 94 24.32 -10.40 30.19
N ILE A 95 23.05 -10.38 30.65
CA ILE A 95 22.73 -10.88 31.98
C ILE A 95 22.95 -12.39 32.04
N SER A 96 22.55 -13.12 31.00
CA SER A 96 22.84 -14.55 30.94
C SER A 96 24.35 -14.81 31.00
N ILE A 97 25.12 -14.00 30.28
CA ILE A 97 26.58 -14.18 30.29
C ILE A 97 27.15 -13.91 31.66
N ASP A 98 26.65 -12.88 32.34
CA ASP A 98 27.15 -12.57 33.68
C ASP A 98 26.77 -13.65 34.68
N ARG A 99 25.57 -14.24 34.52
CA ARG A 99 25.19 -15.36 35.39
C ARG A 99 26.08 -16.57 35.14
N TYR A 100 26.38 -16.87 33.88
CA TYR A 100 27.31 -17.96 33.59
C TYR A 100 28.68 -17.69 34.20
N THR A 101 29.17 -16.46 34.09
CA THR A 101 30.47 -16.13 34.67
C THR A 101 30.45 -16.29 36.20
N ALA A 102 29.37 -15.82 36.83
CA ALA A 102 29.31 -15.86 38.29
C ALA A 102 29.19 -17.28 38.81
N VAL A 103 28.48 -18.15 38.09
CA VAL A 103 28.28 -19.52 38.56
C VAL A 103 29.50 -20.37 38.24
N ALA A 104 30.01 -20.28 37.02
CA ALA A 104 31.12 -21.13 36.61
C ALA A 104 32.43 -20.66 37.24
N MET A 105 32.74 -19.37 37.12
CA MET A 105 34.01 -18.81 37.57
C MET A 105 33.70 -17.73 38.61
N PRO A 106 33.50 -18.10 39.87
CA PRO A 106 33.21 -17.11 40.91
C PRO A 106 34.41 -16.29 41.34
N MET A 107 35.59 -16.53 40.79
CA MET A 107 36.80 -15.82 41.17
C MET A 107 36.70 -14.33 40.84
N SER A 115 36.81 -5.00 38.83
CA SER A 115 35.78 -5.97 38.45
C SER A 115 34.62 -5.30 37.73
N LYS A 116 34.47 -3.98 37.92
CA LYS A 116 33.40 -3.25 37.27
C LYS A 116 33.74 -2.84 35.84
N ARG A 117 34.99 -3.02 35.42
CA ARG A 117 35.36 -2.68 34.05
C ARG A 117 34.62 -3.55 33.06
N ARG A 118 34.50 -4.85 33.37
CA ARG A 118 33.72 -5.75 32.53
C ARG A 118 32.26 -5.32 32.44
N VAL A 119 31.71 -4.83 33.55
CA VAL A 119 30.31 -4.40 33.56
C VAL A 119 30.12 -3.18 32.66
N THR A 120 31.01 -2.19 32.80
CA THR A 120 30.95 -1.02 31.93
C THR A 120 31.11 -1.42 30.47
N VAL A 121 32.02 -2.36 30.20
CA VAL A 121 32.25 -2.81 28.83
C VAL A 121 30.99 -3.43 28.25
N MET A 122 30.35 -4.34 29.01
CA MET A 122 29.16 -5.00 28.48
C MET A 122 28.01 -4.01 28.28
N ILE A 123 27.82 -3.08 29.21
CA ILE A 123 26.75 -2.09 29.06
C ILE A 123 26.97 -1.25 27.81
N SER A 124 28.21 -0.76 27.63
CA SER A 124 28.49 0.06 26.46
C SER A 124 28.37 -0.76 25.18
N ILE A 125 28.78 -2.03 25.21
CA ILE A 125 28.68 -2.84 24.01
C ILE A 125 27.22 -3.02 23.62
N VAL A 126 26.37 -3.27 24.62
CA VAL A 126 24.94 -3.43 24.36
C VAL A 126 24.39 -2.21 23.63
N TRP A 127 24.62 -1.02 24.21
CA TRP A 127 24.04 0.17 23.61
C TRP A 127 24.67 0.51 22.26
N VAL A 128 25.99 0.31 22.11
CA VAL A 128 26.65 0.58 20.84
C VAL A 128 26.10 -0.31 19.75
N LEU A 129 25.97 -1.62 20.03
CA LEU A 129 25.46 -2.54 19.03
C LEU A 129 24.02 -2.23 18.68
N SER A 130 23.20 -1.85 19.68
CA SER A 130 21.81 -1.53 19.38
C SER A 130 21.71 -0.31 18.48
N PHE A 131 22.48 0.75 18.78
CA PHE A 131 22.49 1.93 17.93
C PHE A 131 23.02 1.61 16.54
N THR A 132 24.03 0.74 16.44
CA THR A 132 24.55 0.34 15.14
C THR A 132 23.49 -0.38 14.33
N ILE A 133 22.74 -1.29 14.96
CA ILE A 133 21.70 -2.02 14.25
C ILE A 133 20.60 -1.08 13.79
N SER A 134 20.26 -0.09 14.61
CA SER A 134 19.13 0.77 14.29
C SER A 134 19.49 2.00 13.46
N CYS A 135 20.79 2.27 13.24
CA CYS A 135 21.22 3.41 12.44
C CYS A 135 20.51 3.57 11.10
N PRO A 136 20.38 2.54 10.25
CA PRO A 136 19.87 2.79 8.89
C PRO A 136 18.52 3.49 8.83
N LEU A 137 17.68 3.36 9.86
CA LEU A 137 16.35 3.94 9.82
C LEU A 137 16.38 5.46 9.83
N LEU A 138 17.29 6.06 10.60
CA LEU A 138 17.35 7.52 10.65
C LEU A 138 17.96 8.13 9.39
N PHE A 139 18.65 7.33 8.57
CA PHE A 139 19.26 7.81 7.35
C PHE A 139 18.31 7.77 6.16
N GLY A 140 17.00 7.73 6.39
CA GLY A 140 16.03 7.73 5.32
C GLY A 140 15.84 6.41 4.61
N LEU A 141 16.44 5.32 5.11
CA LEU A 141 16.21 4.02 4.50
C LEU A 141 14.79 3.52 4.70
N ASN A 142 14.09 4.03 5.71
CA ASN A 142 12.68 3.70 5.91
C ASN A 142 11.85 4.61 5.01
N ASN A 143 11.42 4.08 3.86
CA ASN A 143 10.65 4.85 2.90
C ASN A 143 9.17 4.54 3.11
N ALA A 144 8.60 5.19 4.13
CA ALA A 144 7.20 5.01 4.46
C ALA A 144 6.33 5.87 3.57
N ASP A 145 5.20 5.32 3.14
CA ASP A 145 4.26 6.07 2.33
C ASP A 145 3.62 7.18 3.17
N GLN A 146 2.81 8.00 2.51
CA GLN A 146 2.19 9.13 3.18
C GLN A 146 1.19 8.66 4.23
N ASN A 147 1.22 9.31 5.39
CA ASN A 147 0.30 9.04 6.49
C ASN A 147 0.34 7.59 6.96
N GLU A 148 1.50 6.94 6.83
CA GLU A 148 1.73 5.62 7.42
C GLU A 148 3.09 5.63 8.08
N CYS A 149 3.23 4.83 9.14
CA CYS A 149 4.46 4.77 9.93
C CYS A 149 4.70 3.32 10.35
N ILE A 150 5.57 2.63 9.62
CA ILE A 150 5.94 1.26 9.92
C ILE A 150 7.39 1.07 9.51
N ILE A 151 7.91 -0.16 9.66
CA ILE A 151 9.14 -0.54 8.97
C ILE A 151 8.71 -0.96 7.56
N ALA A 152 8.83 -0.03 6.61
CA ALA A 152 8.24 -0.20 5.28
C ALA A 152 9.07 -1.07 4.36
N ASN A 153 10.13 -1.71 4.87
CA ASN A 153 11.01 -2.52 4.04
C ASN A 153 11.04 -3.95 4.56
N PRO A 154 10.58 -4.93 3.78
CA PRO A 154 10.63 -6.33 4.26
C PRO A 154 12.04 -6.84 4.45
N ALA A 155 12.99 -6.39 3.62
CA ALA A 155 14.37 -6.82 3.78
C ALA A 155 14.94 -6.36 5.11
N PHE A 156 14.65 -5.11 5.51
CA PHE A 156 15.08 -4.65 6.82
C PHE A 156 14.36 -5.39 7.93
N VAL A 157 13.11 -5.79 7.71
CA VAL A 157 12.40 -6.63 8.68
C VAL A 157 13.17 -7.93 8.90
N VAL A 158 13.60 -8.57 7.82
CA VAL A 158 14.33 -9.83 7.93
C VAL A 158 15.66 -9.59 8.64
N TYR A 159 16.40 -8.56 8.23
CA TYR A 159 17.70 -8.28 8.83
C TYR A 159 17.57 -8.00 10.33
N SER A 160 16.54 -7.23 10.72
CA SER A 160 16.35 -6.91 12.12
C SER A 160 15.93 -8.13 12.92
N SER A 161 15.04 -8.97 12.36
CA SER A 161 14.70 -10.21 13.03
C SER A 161 15.92 -11.10 13.22
N ILE A 162 16.84 -11.08 12.27
CA ILE A 162 18.01 -11.97 12.36
C ILE A 162 18.99 -11.46 13.40
N VAL A 163 19.39 -10.19 13.30
CA VAL A 163 20.47 -9.71 14.16
C VAL A 163 19.97 -9.26 15.53
N SER A 164 18.72 -8.79 15.62
CA SER A 164 18.21 -8.23 16.86
C SER A 164 17.48 -9.24 17.72
N PHE A 165 16.88 -10.27 17.12
CA PHE A 165 16.10 -11.24 17.89
C PHE A 165 16.72 -12.63 17.85
N TYR A 166 16.93 -13.20 16.67
CA TYR A 166 17.27 -14.62 16.58
C TYR A 166 18.66 -14.91 17.16
N VAL A 167 19.67 -14.11 16.77
CA VAL A 167 21.01 -14.32 17.30
C VAL A 167 21.07 -14.13 18.82
N PRO A 168 20.59 -13.03 19.40
CA PRO A 168 20.66 -12.91 20.87
C PRO A 168 19.86 -13.96 21.59
N PHE A 169 18.67 -14.30 21.07
CA PHE A 169 17.85 -15.32 21.71
C PHE A 169 18.53 -16.69 21.70
N ILE A 170 19.12 -17.07 20.57
CA ILE A 170 19.78 -18.37 20.50
C ILE A 170 21.02 -18.39 21.40
N VAL A 171 21.80 -17.31 21.40
CA VAL A 171 22.99 -17.27 22.25
C VAL A 171 22.61 -17.32 23.72
N THR A 172 21.55 -16.60 24.11
CA THR A 172 21.10 -16.60 25.49
C THR A 172 20.56 -17.97 25.91
N LEU A 173 19.82 -18.62 25.00
CA LEU A 173 19.34 -19.97 25.29
C LEU A 173 20.49 -20.93 25.49
N LEU A 174 21.54 -20.81 24.66
CA LEU A 174 22.71 -21.68 24.83
C LEU A 174 23.44 -21.40 26.14
N VAL A 175 23.56 -20.13 26.50
CA VAL A 175 24.23 -19.79 27.76
C VAL A 175 23.44 -20.33 28.95
N TYR A 176 22.11 -20.24 28.90
CA TYR A 176 21.31 -20.75 30.00
C TYR A 176 21.29 -22.27 30.01
N ILE A 177 21.44 -22.91 28.84
CA ILE A 177 21.65 -24.35 28.80
C ILE A 177 22.94 -24.71 29.51
N LYS A 178 24.02 -23.96 29.23
CA LYS A 178 25.29 -24.17 29.92
C LYS A 178 25.13 -23.99 31.42
N ILE A 179 24.30 -23.04 31.84
CA ILE A 179 24.08 -22.80 33.27
C ILE A 179 23.32 -23.98 33.88
N TYR A 180 22.27 -24.47 33.20
CA TYR A 180 21.52 -25.61 33.69
C TYR A 180 22.37 -26.88 33.73
N ILE A 181 23.41 -26.95 32.89
CA ILE A 181 24.36 -28.06 32.97
C ILE A 181 25.03 -28.11 34.34
N VAL A 182 25.28 -26.94 34.93
CA VAL A 182 25.90 -26.88 36.25
C VAL A 182 24.86 -27.18 37.33
N LEU A 183 24.72 -28.45 37.67
CA LEU A 183 23.76 -28.88 38.69
C LEU A 183 24.09 -30.29 39.17
N LEU A 190 26.57 -33.72 50.49
CA LEU A 190 28.00 -33.97 50.34
C LEU A 190 28.76 -33.61 51.62
N GLU A 191 28.01 -33.31 52.68
CA GLU A 191 28.64 -32.88 53.93
C GLU A 191 29.52 -33.98 54.51
N ASP A 192 28.99 -35.21 54.58
CA ASP A 192 29.78 -36.34 55.05
C ASP A 192 31.02 -36.55 54.19
N ASN A 193 30.94 -36.20 52.90
CA ASN A 193 32.10 -36.32 52.03
C ASN A 193 33.19 -35.34 52.42
N TRP A 194 32.83 -34.09 52.71
CA TRP A 194 33.84 -33.13 53.16
C TRP A 194 34.42 -33.53 54.50
N GLU A 195 33.57 -34.02 55.42
CA GLU A 195 34.07 -34.49 56.71
C GLU A 195 35.08 -35.62 56.54
N THR A 196 34.76 -36.58 55.67
CA THR A 196 35.68 -37.69 55.41
C THR A 196 36.98 -37.20 54.80
N LEU A 197 36.88 -36.31 53.81
CA LEU A 197 38.07 -35.76 53.16
C LEU A 197 38.98 -35.06 54.17
N ASN A 198 38.40 -34.22 55.03
CA ASN A 198 39.22 -33.48 55.99
C ASN A 198 39.81 -34.41 57.04
N ASP A 199 39.05 -35.41 57.49
CA ASP A 199 39.58 -36.36 58.47
C ASP A 199 40.76 -37.13 57.89
N ASN A 200 40.63 -37.61 56.64
CA ASN A 200 41.76 -38.33 56.05
C ASN A 200 42.92 -37.40 55.72
N LEU A 201 42.64 -36.13 55.45
CA LEU A 201 43.73 -35.16 55.28
C LEU A 201 44.54 -35.02 56.55
N LYS A 202 43.86 -34.87 57.70
CA LYS A 202 44.61 -34.77 58.95
C LYS A 202 45.28 -36.09 59.31
N VAL A 203 44.71 -37.21 58.87
CA VAL A 203 45.36 -38.51 59.07
C VAL A 203 46.68 -38.56 58.31
N ILE A 204 46.66 -38.13 57.04
CA ILE A 204 47.89 -38.05 56.26
C ILE A 204 48.87 -37.09 56.91
N GLU A 205 48.36 -35.97 57.44
CA GLU A 205 49.22 -34.97 58.05
C GLU A 205 49.96 -35.53 59.26
N LYS A 206 49.29 -36.36 60.06
CA LYS A 206 49.96 -36.96 61.21
C LYS A 206 50.58 -38.32 60.90
N ALA A 207 50.47 -38.80 59.67
CA ALA A 207 51.02 -40.10 59.32
C ALA A 207 52.54 -40.08 59.28
N ASP A 208 53.15 -41.25 59.50
CA ASP A 208 54.59 -41.40 59.51
C ASP A 208 55.09 -42.54 58.63
N ASN A 209 54.19 -43.22 57.91
CA ASN A 209 54.57 -44.31 57.02
C ASN A 209 53.81 -44.14 55.70
N ALA A 210 53.86 -45.16 54.85
CA ALA A 210 53.22 -45.12 53.56
C ALA A 210 51.87 -45.83 53.51
N ALA A 211 51.67 -46.85 54.34
CA ALA A 211 50.40 -47.58 54.31
C ALA A 211 49.23 -46.70 54.76
N GLN A 212 49.42 -45.94 55.84
CA GLN A 212 48.38 -45.04 56.30
C GLN A 212 48.00 -44.02 55.25
N VAL A 213 49.00 -43.44 54.59
CA VAL A 213 48.73 -42.43 53.56
C VAL A 213 47.99 -43.05 52.39
N LYS A 214 48.39 -44.26 51.97
CA LYS A 214 47.71 -44.94 50.87
C LYS A 214 46.25 -45.21 51.22
N ASP A 215 46.00 -45.73 52.42
CA ASP A 215 44.62 -46.03 52.81
C ASP A 215 43.78 -44.76 52.92
N ALA A 216 44.36 -43.70 53.48
CA ALA A 216 43.62 -42.44 53.60
C ALA A 216 43.29 -41.85 52.24
N LEU A 217 44.23 -41.91 51.30
CA LEU A 217 43.99 -41.41 49.95
C LEU A 217 42.98 -42.28 49.21
N THR A 218 42.97 -43.58 49.47
CA THR A 218 41.94 -44.45 48.92
C THR A 218 40.56 -44.02 49.40
N LYS A 219 40.40 -43.84 50.72
CA LYS A 219 39.12 -43.39 51.24
C LYS A 219 38.75 -42.00 50.71
N MET A 220 39.77 -41.14 50.49
CA MET A 220 39.50 -39.81 49.95
C MET A 220 38.99 -39.89 48.52
N ARG A 221 39.58 -40.77 47.70
CA ARG A 221 39.08 -40.94 46.35
C ARG A 221 37.68 -41.53 46.35
N ALA A 222 37.40 -42.45 47.26
CA ALA A 222 36.06 -43.01 47.35
C ALA A 222 35.04 -41.94 47.72
N ALA A 223 35.40 -41.04 48.63
CA ALA A 223 34.48 -39.98 49.04
C ALA A 223 34.39 -38.85 48.02
N ALA A 224 35.43 -38.66 47.21
CA ALA A 224 35.49 -37.54 46.29
C ALA A 224 34.80 -37.82 44.95
N LEU A 225 34.35 -39.05 44.72
CA LEU A 225 33.58 -39.33 43.51
C LEU A 225 32.23 -38.62 43.56
N ASP A 226 31.62 -38.54 44.75
CA ASP A 226 30.29 -37.98 44.88
C ASP A 226 30.28 -36.47 44.58
N ALA A 227 31.41 -35.81 44.79
CA ALA A 227 31.49 -34.36 44.64
C ALA A 227 31.82 -33.93 43.21
N GLY A 228 32.78 -34.60 42.58
CA GLY A 228 33.27 -34.19 41.29
C GLY A 228 32.36 -34.63 40.15
N SER A 229 32.94 -34.68 38.95
CA SER A 229 32.21 -35.08 37.76
C SER A 229 32.56 -36.50 37.35
N ASP A 233 37.51 -35.04 36.85
CA ASP A 233 37.56 -34.22 38.05
C ASP A 233 39.00 -33.96 38.47
N ILE A 234 39.31 -32.68 38.74
CA ILE A 234 40.68 -32.30 39.09
C ILE A 234 41.07 -32.89 40.45
N LEU A 235 40.13 -32.89 41.40
CA LEU A 235 40.41 -33.47 42.71
C LEU A 235 40.75 -34.96 42.60
N VAL A 236 40.02 -35.68 41.74
CA VAL A 236 40.26 -37.11 41.60
C VAL A 236 41.62 -37.38 40.95
N GLY A 237 41.98 -36.57 39.95
CA GLY A 237 43.29 -36.72 39.33
C GLY A 237 44.42 -36.41 40.28
N GLN A 238 44.27 -35.36 41.09
CA GLN A 238 45.29 -35.05 42.08
C GLN A 238 45.40 -36.14 43.13
N ILE A 239 44.26 -36.74 43.51
CA ILE A 239 44.30 -37.87 44.44
C ILE A 239 45.02 -39.06 43.82
N ASP A 240 44.83 -39.27 42.52
CA ASP A 240 45.53 -40.36 41.84
C ASP A 240 47.04 -40.12 41.78
N ASP A 241 47.44 -38.86 41.54
CA ASP A 241 48.86 -38.54 41.55
C ASP A 241 49.45 -38.77 42.94
N ALA A 242 48.76 -38.31 43.98
CA ALA A 242 49.21 -38.54 45.35
C ALA A 242 49.27 -40.04 45.70
N LEU A 243 48.37 -40.83 45.11
CA LEU A 243 48.28 -42.28 45.31
C LEU A 243 49.42 -43.06 44.68
N LYS A 244 49.91 -42.62 43.51
CA LYS A 244 51.11 -43.21 42.93
C LYS A 244 52.31 -43.06 43.85
N LEU A 245 52.42 -41.91 44.50
CA LEU A 245 53.50 -41.65 45.45
C LEU A 245 53.55 -42.71 46.54
N ALA A 246 52.40 -43.07 47.11
CA ALA A 246 52.38 -44.02 48.22
C ALA A 246 52.82 -45.44 47.86
N ASN A 247 52.56 -45.90 46.64
CA ASN A 247 53.09 -47.23 46.31
C ASN A 247 54.60 -47.23 46.30
N GLU A 248 55.24 -46.15 45.86
CA GLU A 248 56.68 -45.99 45.92
C GLU A 248 57.19 -45.63 47.30
N GLY A 249 56.29 -45.42 48.26
CA GLY A 249 56.76 -45.09 49.58
C GLY A 249 57.21 -43.67 49.78
N LYS A 250 56.79 -42.72 48.94
CA LYS A 250 57.27 -41.35 49.10
C LYS A 250 56.28 -40.58 50.00
N VAL A 251 56.57 -40.60 51.29
CA VAL A 251 55.66 -40.07 52.29
C VAL A 251 55.65 -38.55 52.30
N LYS A 252 56.83 -37.93 52.28
CA LYS A 252 56.90 -36.46 52.30
C LYS A 252 56.26 -35.85 51.06
N GLU A 253 56.54 -36.40 49.89
CA GLU A 253 55.94 -35.92 48.66
C GLU A 253 54.42 -36.12 48.67
N ALA A 254 53.98 -37.25 49.22
CA ALA A 254 52.54 -37.49 49.35
C ALA A 254 51.91 -36.50 50.32
N GLN A 255 52.63 -36.10 51.37
CA GLN A 255 52.08 -35.15 52.33
C GLN A 255 51.98 -33.76 51.72
N ALA A 256 52.96 -33.36 50.90
CA ALA A 256 52.86 -32.09 50.18
C ALA A 256 51.69 -32.12 49.21
N ALA A 257 51.52 -33.23 48.48
CA ALA A 257 50.38 -33.36 47.58
C ALA A 257 49.06 -33.33 48.36
N ALA A 258 49.04 -33.87 49.57
CA ALA A 258 47.84 -33.82 50.39
C ALA A 258 47.55 -32.40 50.87
N GLU A 259 48.60 -31.62 51.15
CA GLU A 259 48.39 -30.23 51.53
C GLU A 259 47.79 -29.43 50.37
N GLN A 260 48.29 -29.66 49.16
CA GLN A 260 47.67 -29.01 48.00
C GLN A 260 46.25 -29.54 47.72
N LEU A 261 46.00 -30.82 48.06
CA LEU A 261 44.66 -31.37 47.97
C LEU A 261 43.70 -30.65 48.90
N LYS A 262 44.17 -30.28 50.09
CA LYS A 262 43.32 -29.51 50.99
C LYS A 262 42.94 -28.17 50.37
N THR A 263 43.89 -27.52 49.70
CA THR A 263 43.59 -26.30 48.95
C THR A 263 42.48 -26.54 47.93
N THR A 264 42.59 -27.63 47.15
CA THR A 264 41.59 -27.91 46.13
C THR A 264 40.22 -28.15 46.76
N ILE A 265 40.19 -28.86 47.89
CA ILE A 265 38.91 -29.16 48.55
C ILE A 265 38.27 -27.88 49.06
N ASN A 266 39.06 -27.00 49.68
CA ASN A 266 38.52 -25.72 50.15
C ASN A 266 38.00 -24.89 48.97
N ALA A 267 38.69 -24.93 47.84
CA ALA A 267 38.21 -24.23 46.64
C ALA A 267 36.87 -24.79 46.18
N TYR A 268 36.72 -26.12 46.21
CA TYR A 268 35.44 -26.73 45.87
C TYR A 268 34.32 -26.26 46.80
N ILE A 269 34.60 -26.20 48.10
CA ILE A 269 33.61 -25.73 49.07
C ILE A 269 33.18 -24.31 48.75
N GLN A 270 34.16 -23.42 48.52
CA GLN A 270 33.83 -22.03 48.23
C GLN A 270 33.03 -21.91 46.94
N LYS A 271 33.41 -22.66 45.90
CA LYS A 271 32.72 -22.57 44.63
C LYS A 271 31.27 -23.02 44.76
N TYR A 272 31.02 -24.16 45.41
CA TYR A 272 29.63 -24.59 45.52
C TYR A 272 28.83 -23.79 46.54
N GLY A 273 29.50 -22.99 47.37
CA GLY A 273 28.75 -22.03 48.17
C GLY A 273 28.34 -20.82 47.36
N SER A 274 29.27 -20.27 46.58
CA SER A 274 28.89 -19.16 45.71
C SER A 274 27.79 -19.59 44.74
N GLN A 275 27.86 -20.84 44.26
CA GLN A 275 26.84 -21.33 43.35
C GLN A 275 25.47 -21.41 44.02
N GLN A 276 25.42 -21.96 45.24
CA GLN A 276 24.14 -21.99 45.95
C GLN A 276 23.62 -20.59 46.26
N LYS A 277 24.52 -19.64 46.52
CA LYS A 277 24.07 -18.26 46.72
C LYS A 277 23.45 -17.66 45.45
N GLU A 278 24.06 -17.88 44.30
CA GLU A 278 23.62 -17.23 43.07
C GLU A 278 22.47 -17.94 42.35
N LYS A 279 22.18 -19.19 42.69
CA LYS A 279 21.17 -19.95 41.94
C LYS A 279 19.81 -19.27 41.95
N LYS A 280 19.44 -18.63 43.06
CA LYS A 280 18.10 -18.05 43.17
C LYS A 280 17.94 -16.87 42.21
N ALA A 281 18.91 -15.95 42.20
CA ALA A 281 18.87 -14.86 41.23
C ALA A 281 18.94 -15.39 39.81
N THR A 282 19.69 -16.48 39.59
CA THR A 282 19.73 -17.10 38.27
C THR A 282 18.35 -17.56 37.84
N GLN A 283 17.61 -18.19 38.75
CA GLN A 283 16.26 -18.67 38.45
C GLN A 283 15.32 -17.50 38.18
N MET A 284 15.44 -16.42 38.96
CA MET A 284 14.60 -15.24 38.73
C MET A 284 14.84 -14.67 37.34
N LEU A 285 16.11 -14.54 36.95
CA LEU A 285 16.41 -14.02 35.61
C LEU A 285 16.00 -14.99 34.53
N ALA A 286 16.02 -16.29 34.82
CA ALA A 286 15.54 -17.29 33.86
C ALA A 286 14.06 -17.11 33.61
N ILE A 287 13.27 -16.89 34.67
CA ILE A 287 11.84 -16.70 34.47
C ILE A 287 11.56 -15.35 33.81
N VAL A 288 12.40 -14.33 34.07
CA VAL A 288 12.27 -13.08 33.34
C VAL A 288 12.46 -13.29 31.85
N LEU A 289 13.52 -14.02 31.48
CA LEU A 289 13.78 -14.35 30.09
C LEU A 289 12.62 -15.14 29.48
N GLY A 290 12.08 -16.10 30.23
CA GLY A 290 10.94 -16.86 29.75
C GLY A 290 9.75 -15.98 29.44
N VAL A 291 9.42 -15.07 30.37
CA VAL A 291 8.28 -14.18 30.16
C VAL A 291 8.52 -13.29 28.95
N PHE A 292 9.76 -12.82 28.77
CA PHE A 292 10.08 -11.99 27.61
C PHE A 292 9.86 -12.75 26.31
N ILE A 293 10.34 -14.01 26.26
CA ILE A 293 10.19 -14.80 25.05
C ILE A 293 8.72 -15.10 24.79
N ILE A 294 7.95 -15.42 25.83
CA ILE A 294 6.52 -15.69 25.66
C ILE A 294 5.81 -14.45 25.12
N CYS A 295 6.16 -13.28 25.64
CA CYS A 295 5.50 -12.06 25.20
C CYS A 295 5.83 -11.72 23.75
N TRP A 296 7.10 -11.86 23.37
CA TRP A 296 7.53 -11.37 22.05
C TRP A 296 7.53 -12.45 20.97
N LEU A 297 7.21 -13.70 21.30
CA LEU A 297 7.25 -14.75 20.27
C LEU A 297 6.15 -14.61 19.23
N PRO A 298 4.88 -14.38 19.58
CA PRO A 298 3.85 -14.33 18.53
C PRO A 298 4.09 -13.26 17.48
N PHE A 299 4.72 -12.15 17.86
CA PHE A 299 5.04 -11.09 16.90
C PHE A 299 5.92 -11.61 15.77
N PHE A 300 7.06 -12.21 16.12
CA PHE A 300 7.96 -12.72 15.10
C PHE A 300 7.37 -13.94 14.40
N ILE A 301 6.53 -14.73 15.10
CA ILE A 301 5.87 -15.86 14.45
C ILE A 301 4.98 -15.36 13.32
N THR A 302 4.18 -14.32 13.59
CA THR A 302 3.32 -13.76 12.54
C THR A 302 4.15 -13.06 11.46
N HIS A 303 5.29 -12.47 11.82
CA HIS A 303 6.15 -11.87 10.81
C HIS A 303 6.67 -12.93 9.84
N ILE A 304 7.17 -14.06 10.38
CA ILE A 304 7.67 -15.13 9.54
C ILE A 304 6.55 -15.73 8.71
N LEU A 305 5.35 -15.83 9.28
CA LEU A 305 4.20 -16.28 8.49
C LEU A 305 3.94 -15.33 7.32
N ASN A 306 3.91 -14.02 7.59
CA ASN A 306 3.64 -13.05 6.55
C ASN A 306 4.69 -13.10 5.46
N ILE A 307 5.95 -13.35 5.82
CA ILE A 307 7.03 -13.35 4.84
C ILE A 307 7.03 -14.65 4.02
N HIS A 308 7.19 -15.79 4.68
CA HIS A 308 7.40 -17.06 4.01
C HIS A 308 6.11 -17.84 3.76
N CYS A 309 4.94 -17.24 3.98
CA CYS A 309 3.67 -17.87 3.66
C CYS A 309 2.88 -17.14 2.60
N ASP A 310 3.04 -15.82 2.49
CA ASP A 310 2.09 -14.95 1.78
C ASP A 310 0.73 -14.99 2.47
N CYS A 311 0.74 -15.22 3.78
CA CYS A 311 -0.47 -15.22 4.58
C CYS A 311 -1.08 -13.83 4.61
N ASN A 312 -2.37 -13.73 4.27
CA ASN A 312 -3.10 -12.47 4.38
C ASN A 312 -3.43 -12.26 5.85
N ILE A 313 -2.45 -11.76 6.59
CA ILE A 313 -2.59 -11.59 8.03
C ILE A 313 -3.32 -10.28 8.32
N PRO A 314 -4.38 -10.30 9.12
CA PRO A 314 -5.07 -9.05 9.44
C PRO A 314 -4.22 -8.18 10.36
N PRO A 315 -4.34 -6.86 10.25
CA PRO A 315 -3.56 -5.98 11.15
C PRO A 315 -3.95 -6.09 12.61
N VAL A 316 -5.15 -6.59 12.92
CA VAL A 316 -5.57 -6.73 14.31
C VAL A 316 -4.62 -7.66 15.06
N LEU A 317 -4.18 -8.75 14.41
CA LEU A 317 -3.21 -9.64 15.03
C LEU A 317 -1.87 -8.94 15.23
N TYR A 318 -1.46 -8.11 14.26
CA TYR A 318 -0.22 -7.37 14.40
C TYR A 318 -0.25 -6.46 15.62
N SER A 319 -1.34 -5.69 15.78
CA SER A 319 -1.44 -4.80 16.92
C SER A 319 -1.55 -5.57 18.24
N ALA A 320 -2.34 -6.66 18.24
CA ALA A 320 -2.50 -7.45 19.46
C ALA A 320 -1.17 -8.04 19.91
N PHE A 321 -0.36 -8.54 18.98
CA PHE A 321 0.91 -9.13 19.37
C PHE A 321 1.96 -8.08 19.66
N THR A 322 1.88 -6.92 19.01
CA THR A 322 2.72 -5.78 19.40
C THR A 322 2.49 -5.43 20.86
N TRP A 323 1.22 -5.34 21.27
CA TRP A 323 0.96 -4.98 22.66
C TRP A 323 1.22 -6.14 23.61
N LEU A 324 1.06 -7.39 23.15
CA LEU A 324 1.45 -8.53 23.97
C LEU A 324 2.95 -8.51 24.25
N GLY A 325 3.75 -8.08 23.27
CA GLY A 325 5.18 -7.93 23.50
C GLY A 325 5.52 -6.72 24.33
N TYR A 326 4.73 -5.65 24.23
CA TYR A 326 4.97 -4.47 25.06
C TYR A 326 4.59 -4.71 26.51
N VAL A 327 3.65 -5.63 26.77
CA VAL A 327 3.26 -5.94 28.14
C VAL A 327 4.45 -6.38 28.96
N ASN A 328 5.42 -7.06 28.34
CA ASN A 328 6.62 -7.51 29.05
C ASN A 328 7.38 -6.38 29.71
N SER A 329 7.24 -5.15 29.21
CA SER A 329 7.92 -4.00 29.81
C SER A 329 7.40 -3.64 31.20
N ALA A 330 6.32 -4.30 31.66
CA ALA A 330 5.75 -4.01 32.97
C ALA A 330 5.85 -5.18 33.95
N VAL A 331 6.17 -6.39 33.49
CA VAL A 331 6.14 -7.56 34.36
C VAL A 331 7.47 -7.81 35.08
N ASN A 332 8.54 -7.14 34.68
CA ASN A 332 9.85 -7.37 35.29
C ASN A 332 9.91 -6.87 36.73
N PRO A 333 9.38 -5.69 37.06
CA PRO A 333 9.31 -5.32 38.49
C PRO A 333 8.49 -6.29 39.33
N ILE A 334 7.42 -6.87 38.76
CA ILE A 334 6.65 -7.85 39.50
C ILE A 334 7.48 -9.10 39.78
N ILE A 335 8.27 -9.55 38.81
CA ILE A 335 9.14 -10.70 39.03
C ILE A 335 10.19 -10.38 40.07
N TYR A 336 10.76 -9.17 40.02
CA TYR A 336 11.75 -8.78 41.03
C TYR A 336 11.13 -8.74 42.42
N THR A 337 9.86 -8.34 42.51
CA THR A 337 9.17 -8.30 43.79
C THR A 337 8.90 -9.70 44.31
N THR A 338 8.48 -10.61 43.44
CA THR A 338 8.03 -11.92 43.87
C THR A 338 9.18 -12.89 44.11
N PHE A 339 10.26 -12.81 43.33
CA PHE A 339 11.33 -13.80 43.38
C PHE A 339 12.59 -13.30 44.07
N ASN A 340 12.58 -12.10 44.63
CA ASN A 340 13.74 -11.58 45.34
C ASN A 340 13.31 -11.00 46.67
N ILE A 341 14.22 -11.08 47.65
CA ILE A 341 13.94 -10.61 49.00
C ILE A 341 14.38 -9.17 49.20
N GLU A 342 15.65 -8.88 48.91
CA GLU A 342 16.16 -7.53 49.09
C GLU A 342 15.47 -6.53 48.18
N PHE A 343 15.05 -6.97 46.98
CA PHE A 343 14.31 -6.07 46.10
C PHE A 343 12.96 -5.70 46.71
N ARG A 344 12.24 -6.68 47.27
CA ARG A 344 10.97 -6.38 47.90
C ARG A 344 11.15 -5.51 49.13
N LYS A 345 12.23 -5.74 49.88
CA LYS A 345 12.51 -4.90 51.04
C LYS A 345 12.77 -3.46 50.63
N ALA A 346 13.62 -3.26 49.60
CA ALA A 346 13.90 -1.92 49.13
C ALA A 346 12.63 -1.25 48.59
N PHE A 347 11.77 -2.01 47.93
CA PHE A 347 10.49 -1.49 47.47
C PHE A 347 9.66 -0.99 48.65
N LEU A 348 9.44 -1.85 49.63
CA LEU A 348 8.59 -1.47 50.77
C LEU A 348 9.20 -0.31 51.56
N LYS A 349 10.53 -0.21 51.59
CA LYS A 349 11.17 0.86 52.36
C LYS A 349 11.08 2.20 51.63
N ILE A 350 11.38 2.21 50.33
CA ILE A 350 11.27 3.46 49.57
C ILE A 350 9.82 3.92 49.44
N LEU A 351 8.85 3.01 49.58
CA LEU A 351 7.45 3.42 49.62
C LEU A 351 7.09 4.17 50.89
N HIS A 352 7.85 4.00 51.97
CA HIS A 352 7.55 4.69 53.21
C HIS A 352 8.77 5.44 53.74
N ASP B 1 -8.59 18.98 1.67
CA ASP B 1 -9.11 18.92 0.31
C ASP B 1 -8.63 20.09 -0.53
N ILE B 2 -7.48 19.92 -1.18
CA ILE B 2 -6.90 20.96 -2.03
C ILE B 2 -7.46 20.79 -3.43
N VAL B 3 -8.27 21.74 -3.87
CA VAL B 3 -8.89 21.68 -5.19
C VAL B 3 -7.88 22.14 -6.23
N MET B 4 -7.61 21.30 -7.21
CA MET B 4 -6.73 21.65 -8.32
C MET B 4 -7.55 22.15 -9.50
N THR B 5 -7.10 23.24 -10.12
CA THR B 5 -7.79 23.83 -11.26
C THR B 5 -6.84 23.86 -12.45
N GLN B 6 -7.29 23.31 -13.58
CA GLN B 6 -6.61 23.44 -14.86
C GLN B 6 -7.39 24.44 -15.70
N THR B 7 -6.72 25.50 -16.14
CA THR B 7 -7.42 26.69 -16.61
C THR B 7 -8.28 26.39 -17.84
N THR B 8 -7.74 25.66 -18.80
CA THR B 8 -8.45 25.33 -20.03
C THR B 8 -8.61 23.83 -20.15
N SER B 9 -9.86 23.38 -20.31
CA SER B 9 -10.11 21.96 -20.48
C SER B 9 -9.66 21.47 -21.85
N SER B 10 -9.87 22.28 -22.88
CA SER B 10 -9.42 21.99 -24.24
C SER B 10 -8.38 23.02 -24.65
N LEU B 11 -7.48 22.60 -25.54
CA LEU B 11 -6.35 23.44 -25.94
C LEU B 11 -5.82 22.96 -27.28
N SER B 12 -5.81 23.84 -28.27
CA SER B 12 -5.42 23.50 -29.63
C SER B 12 -4.00 23.99 -29.90
N ALA B 13 -3.21 23.16 -30.58
CA ALA B 13 -1.81 23.50 -30.82
C ALA B 13 -1.39 22.95 -32.18
N SER B 14 -0.65 23.76 -32.92
CA SER B 14 -0.05 23.30 -34.17
C SER B 14 1.08 22.33 -33.88
N LEU B 15 1.33 21.43 -34.84
CA LEU B 15 2.36 20.42 -34.66
C LEU B 15 3.73 21.06 -34.58
N GLY B 16 4.58 20.51 -33.72
CA GLY B 16 5.91 21.08 -33.51
C GLY B 16 5.92 22.43 -32.86
N ASP B 17 4.94 22.74 -32.01
CA ASP B 17 4.85 24.02 -31.33
C ASP B 17 5.13 23.85 -29.84
N ARG B 18 5.27 24.99 -29.16
CA ARG B 18 5.48 25.03 -27.72
C ARG B 18 4.12 25.09 -27.03
N VAL B 19 3.81 24.06 -26.24
CA VAL B 19 2.54 23.96 -25.54
C VAL B 19 2.80 24.14 -24.05
N THR B 20 1.92 24.89 -23.38
CA THR B 20 2.04 25.14 -21.95
C THR B 20 0.67 24.93 -21.30
N ILE B 21 0.64 24.07 -20.28
CA ILE B 21 -0.58 23.69 -19.58
C ILE B 21 -0.44 24.16 -18.14
N SER B 22 -1.32 25.06 -17.73
CA SER B 22 -1.29 25.63 -16.39
C SER B 22 -2.14 24.80 -15.43
N CYS B 23 -1.82 24.94 -14.14
CA CYS B 23 -2.45 24.15 -13.09
C CYS B 23 -2.33 24.95 -11.80
N ARG B 24 -3.47 25.40 -11.27
CA ARG B 24 -3.49 26.27 -10.10
C ARG B 24 -4.04 25.50 -8.91
N ALA B 25 -3.21 25.37 -7.87
CA ALA B 25 -3.64 24.76 -6.62
C ALA B 25 -4.41 25.76 -5.77
N SER B 26 -5.40 25.25 -5.03
CA SER B 26 -6.22 26.12 -4.19
C SER B 26 -5.44 26.70 -3.02
N GLN B 27 -4.23 26.21 -2.75
CA GLN B 27 -3.36 26.78 -1.74
C GLN B 27 -1.91 26.43 -2.11
N ASP B 28 -0.98 26.90 -1.29
CA ASP B 28 0.45 26.68 -1.53
C ASP B 28 0.74 25.21 -1.30
N ILE B 29 0.91 24.45 -2.39
CA ILE B 29 1.24 23.03 -2.28
C ILE B 29 2.74 22.83 -2.29
N SER B 30 3.50 23.94 -2.23
CA SER B 30 4.95 23.91 -2.00
C SER B 30 5.67 22.99 -2.98
N ASN B 31 5.28 23.06 -4.25
CA ASN B 31 5.92 22.32 -5.34
C ASN B 31 5.81 20.81 -5.15
N TYR B 32 4.71 20.36 -4.53
CA TYR B 32 4.40 18.94 -4.40
C TYR B 32 3.33 18.64 -5.44
N LEU B 33 3.78 18.36 -6.67
CA LEU B 33 2.86 18.19 -7.78
C LEU B 33 3.47 17.24 -8.81
N ASN B 34 2.60 16.45 -9.43
CA ASN B 34 2.99 15.50 -10.46
C ASN B 34 2.10 15.69 -11.69
N TRP B 35 2.63 15.28 -12.84
CA TRP B 35 1.93 15.38 -14.12
C TRP B 35 1.83 13.99 -14.74
N TYR B 36 0.60 13.57 -15.02
CA TYR B 36 0.29 12.32 -15.71
C TYR B 36 -0.29 12.59 -17.08
N GLN B 37 -0.16 11.59 -17.96
CA GLN B 37 -0.72 11.63 -19.30
C GLN B 37 -1.68 10.46 -19.49
N GLN B 38 -2.81 10.72 -20.14
CA GLN B 38 -3.77 9.68 -20.48
C GLN B 38 -4.07 9.76 -21.97
N LYS B 39 -3.75 8.69 -22.68
CA LYS B 39 -3.96 8.58 -24.11
C LYS B 39 -5.42 8.25 -24.42
N PRO B 40 -5.86 8.44 -25.67
CA PRO B 40 -7.25 8.12 -26.02
C PRO B 40 -7.68 6.70 -25.64
N ASP B 41 -6.75 5.74 -25.63
CA ASP B 41 -7.08 4.38 -25.22
C ASP B 41 -7.17 4.21 -23.71
N GLY B 42 -7.19 5.31 -22.95
CA GLY B 42 -7.31 5.26 -21.52
C GLY B 42 -6.05 4.97 -20.74
N THR B 43 -4.95 4.62 -21.41
CA THR B 43 -3.73 4.28 -20.69
C THR B 43 -3.15 5.52 -20.03
N VAL B 44 -2.74 5.39 -18.77
CA VAL B 44 -2.20 6.49 -17.99
C VAL B 44 -0.70 6.28 -17.81
N LYS B 45 0.06 7.37 -17.96
CA LYS B 45 1.51 7.34 -17.89
C LYS B 45 1.97 8.43 -16.94
N LEU B 46 2.94 8.09 -16.09
CA LEU B 46 3.54 9.08 -15.21
C LEU B 46 4.64 9.83 -15.96
N LEU B 47 4.49 11.15 -16.07
CA LEU B 47 5.45 11.99 -16.77
C LEU B 47 6.38 12.71 -15.82
N LEU B 48 5.83 13.50 -14.90
CA LEU B 48 6.66 14.31 -14.02
C LEU B 48 6.27 14.11 -12.56
N TYR B 49 7.26 14.17 -11.69
CA TYR B 49 7.06 14.20 -10.25
C TYR B 49 7.93 15.30 -9.65
N TYR B 50 7.52 15.81 -8.50
CA TYR B 50 8.21 16.90 -7.80
C TYR B 50 8.30 18.17 -8.65
N THR B 51 7.36 18.32 -9.60
CA THR B 51 7.14 19.53 -10.39
C THR B 51 8.21 19.76 -11.45
N SER B 52 9.31 19.03 -11.41
CA SER B 52 10.32 19.23 -12.44
C SER B 52 11.10 17.98 -12.83
N ARG B 53 10.82 16.82 -12.24
CA ARG B 53 11.68 15.65 -12.38
C ARG B 53 11.07 14.67 -13.37
N LEU B 54 11.80 14.40 -14.46
CA LEU B 54 11.31 13.51 -15.50
C LEU B 54 11.29 12.08 -14.97
N HIS B 55 10.18 11.38 -15.21
CA HIS B 55 10.12 9.96 -14.93
C HIS B 55 11.03 9.21 -15.91
N SER B 56 11.32 7.96 -15.58
CA SER B 56 12.11 7.13 -16.47
C SER B 56 11.34 6.83 -17.75
N GLY B 57 11.97 7.07 -18.90
CA GLY B 57 11.39 6.71 -20.18
C GLY B 57 10.48 7.75 -20.81
N VAL B 58 10.59 9.01 -20.40
CA VAL B 58 9.81 10.08 -21.02
C VAL B 58 10.77 11.05 -21.71
N PRO B 59 10.42 11.61 -22.86
CA PRO B 59 11.37 12.43 -23.62
C PRO B 59 11.57 13.79 -22.99
N SER B 60 12.63 14.46 -23.44
CA SER B 60 13.02 15.75 -22.90
C SER B 60 12.20 16.91 -23.42
N ARG B 61 11.26 16.67 -24.33
CA ARG B 61 10.34 17.72 -24.74
C ARG B 61 9.54 18.25 -23.56
N PHE B 62 9.27 17.40 -22.57
CA PHE B 62 8.48 17.78 -21.41
C PHE B 62 9.34 18.44 -20.35
N SER B 63 8.77 19.44 -19.68
CA SER B 63 9.45 20.13 -18.59
C SER B 63 8.41 20.75 -17.68
N GLY B 64 8.62 20.65 -16.37
CA GLY B 64 7.70 21.26 -15.45
C GLY B 64 8.29 22.48 -14.77
N SER B 65 7.42 23.37 -14.31
CA SER B 65 7.86 24.53 -13.55
C SER B 65 6.72 24.98 -12.66
N GLY B 66 7.01 25.91 -11.76
CA GLY B 66 5.98 26.48 -10.91
C GLY B 66 6.39 26.68 -9.47
N SER B 67 5.57 27.43 -8.74
CA SER B 67 5.81 27.70 -7.32
C SER B 67 4.50 28.16 -6.71
N GLY B 68 4.47 28.15 -5.37
CA GLY B 68 3.28 28.58 -4.65
C GLY B 68 2.06 27.79 -5.04
N THR B 69 1.15 28.43 -5.76
CA THR B 69 -0.07 27.80 -6.22
C THR B 69 -0.11 27.59 -7.73
N ASP B 70 0.82 28.19 -8.48
CA ASP B 70 0.77 28.18 -9.94
C ASP B 70 1.87 27.27 -10.47
N TYR B 71 1.50 26.30 -11.30
CA TYR B 71 2.46 25.38 -11.88
C TYR B 71 2.10 25.15 -13.34
N SER B 72 3.04 24.60 -14.09
CA SER B 72 2.85 24.48 -15.53
C SER B 72 3.70 23.36 -16.10
N LEU B 73 3.13 22.65 -17.07
CA LEU B 73 3.83 21.68 -17.89
C LEU B 73 4.09 22.31 -19.26
N THR B 74 5.21 21.93 -19.86
CA THR B 74 5.64 22.56 -21.11
C THR B 74 6.22 21.52 -22.05
N ILE B 75 5.65 21.43 -23.25
CA ILE B 75 6.18 20.61 -24.33
C ILE B 75 6.87 21.55 -25.30
N SER B 76 8.18 21.34 -25.50
CA SER B 76 8.97 22.21 -26.36
C SER B 76 8.44 22.18 -27.79
N ASN B 77 8.48 21.00 -28.41
CA ASN B 77 7.89 20.78 -29.71
C ASN B 77 6.84 19.68 -29.59
N LEU B 78 5.68 19.91 -30.20
CA LEU B 78 4.56 18.99 -30.11
C LEU B 78 4.67 17.92 -31.19
N GLU B 79 4.78 16.67 -30.76
CA GLU B 79 4.72 15.51 -31.64
C GLU B 79 3.32 14.91 -31.60
N PRO B 80 2.93 14.14 -32.63
CA PRO B 80 1.57 13.58 -32.64
C PRO B 80 1.31 12.61 -31.50
N GLU B 81 2.33 11.90 -31.00
CA GLU B 81 2.14 11.01 -29.87
C GLU B 81 1.72 11.76 -28.62
N ASP B 82 2.00 13.06 -28.53
CA ASP B 82 1.70 13.85 -27.34
C ASP B 82 0.27 14.36 -27.31
N ILE B 83 -0.56 14.02 -28.29
CA ILE B 83 -1.97 14.40 -28.28
C ILE B 83 -2.69 13.48 -27.30
N ALA B 84 -3.03 14.02 -26.13
CA ALA B 84 -3.60 13.24 -25.03
C ALA B 84 -4.16 14.23 -24.01
N THR B 85 -4.65 13.69 -22.90
CA THR B 85 -5.16 14.50 -21.80
C THR B 85 -4.17 14.48 -20.65
N TYR B 86 -3.79 15.66 -20.17
CA TYR B 86 -2.77 15.80 -19.14
C TYR B 86 -3.40 16.22 -17.82
N TYR B 87 -3.07 15.51 -16.75
CA TYR B 87 -3.63 15.75 -15.43
C TYR B 87 -2.53 16.12 -14.45
N CYS B 88 -2.80 17.13 -13.62
CA CYS B 88 -1.90 17.51 -12.55
C CYS B 88 -2.48 17.08 -11.21
N GLN B 89 -1.62 16.55 -10.35
CA GLN B 89 -2.03 16.00 -9.07
C GLN B 89 -1.16 16.56 -7.95
N GLN B 90 -1.78 16.99 -6.86
CA GLN B 90 -1.05 17.46 -5.70
C GLN B 90 -0.97 16.37 -4.64
N TYR B 91 0.20 16.22 -4.03
CA TYR B 91 0.38 15.32 -2.90
C TYR B 91 0.87 16.06 -1.67
N SER B 92 0.60 17.37 -1.58
CA SER B 92 1.04 18.16 -0.43
C SER B 92 0.36 17.70 0.85
N LYS B 93 -0.91 17.30 0.76
CA LYS B 93 -1.62 16.75 1.91
C LYS B 93 -2.67 15.78 1.41
N LEU B 94 -2.98 14.79 2.23
CA LEU B 94 -4.03 13.85 1.89
C LEU B 94 -5.41 14.48 2.11
N PRO B 95 -6.41 14.13 1.28
CA PRO B 95 -6.29 13.17 0.18
C PRO B 95 -5.56 13.74 -1.03
N ARG B 96 -4.91 12.87 -1.80
CA ARG B 96 -4.36 13.27 -3.09
C ARG B 96 -5.50 13.68 -4.02
N THR B 97 -5.37 14.84 -4.65
CA THR B 97 -6.37 15.32 -5.58
C THR B 97 -5.74 15.60 -6.93
N PHE B 98 -6.60 15.60 -7.95
CA PHE B 98 -6.17 15.80 -9.33
C PHE B 98 -6.79 17.08 -9.89
N GLY B 99 -6.29 17.49 -11.05
CA GLY B 99 -6.89 18.58 -11.79
C GLY B 99 -7.97 18.10 -12.74
N GLY B 100 -8.73 19.06 -13.25
CA GLY B 100 -9.84 18.71 -14.13
C GLY B 100 -9.40 18.00 -15.39
N GLY B 101 -8.16 18.23 -15.81
CA GLY B 101 -7.67 17.66 -17.06
C GLY B 101 -7.70 18.64 -18.21
N THR B 102 -6.66 18.58 -19.04
CA THR B 102 -6.56 19.43 -20.23
C THR B 102 -6.24 18.54 -21.41
N LYS B 103 -7.14 18.48 -22.37
CA LYS B 103 -7.00 17.59 -23.52
C LYS B 103 -6.45 18.36 -24.71
N LEU B 104 -5.53 17.75 -25.43
CA LEU B 104 -4.86 18.40 -26.55
C LEU B 104 -5.56 18.06 -27.86
N GLU B 105 -5.68 19.07 -28.72
CA GLU B 105 -6.19 18.88 -30.07
C GLU B 105 -5.20 19.52 -31.04
N ILE B 106 -5.17 18.99 -32.26
CA ILE B 106 -4.32 19.56 -33.29
C ILE B 106 -5.01 20.75 -33.92
N LYS B 107 -4.32 21.88 -33.98
CA LYS B 107 -4.84 23.06 -34.67
C LYS B 107 -4.74 22.84 -36.17
N ARG B 108 -5.80 23.21 -36.89
CA ARG B 108 -5.81 23.05 -38.34
C ARG B 108 -6.68 24.15 -38.94
N ALA B 109 -6.66 24.20 -40.28
CA ALA B 109 -7.42 25.21 -41.00
C ALA B 109 -8.91 25.08 -40.72
N ASP B 110 -9.59 26.23 -40.69
CA ASP B 110 -11.03 26.25 -40.54
C ASP B 110 -11.70 25.44 -41.64
N ALA B 111 -12.87 24.88 -41.32
CA ALA B 111 -13.59 24.01 -42.25
C ALA B 111 -15.07 24.13 -41.96
N ALA B 112 -15.85 24.40 -43.01
CA ALA B 112 -17.29 24.53 -42.84
C ALA B 112 -17.93 23.16 -42.76
N PRO B 113 -18.99 23.01 -41.96
CA PRO B 113 -19.62 21.69 -41.82
C PRO B 113 -20.53 21.38 -42.99
N THR B 114 -20.56 20.10 -43.37
CA THR B 114 -21.52 19.60 -44.34
C THR B 114 -22.76 19.15 -43.59
N VAL B 115 -23.88 19.80 -43.86
CA VAL B 115 -25.11 19.62 -43.09
C VAL B 115 -26.10 18.82 -43.90
N SER B 116 -26.59 17.73 -43.32
CA SER B 116 -27.59 16.88 -43.92
C SER B 116 -28.72 16.68 -42.91
N ILE B 117 -29.96 16.63 -43.40
CA ILE B 117 -31.11 16.42 -42.53
C ILE B 117 -31.91 15.23 -43.05
N PHE B 118 -32.48 14.47 -42.12
CA PHE B 118 -33.18 13.23 -42.43
C PHE B 118 -34.49 13.19 -41.65
N PRO B 119 -35.61 12.94 -42.33
CA PRO B 119 -36.89 12.83 -41.64
C PRO B 119 -37.02 11.48 -40.95
N PRO B 120 -38.04 11.28 -40.12
CA PRO B 120 -38.22 9.98 -39.48
C PRO B 120 -38.56 8.89 -40.48
N SER B 121 -37.96 7.73 -40.28
CA SER B 121 -38.33 6.54 -41.04
C SER B 121 -39.77 6.15 -40.75
N SER B 122 -40.41 5.50 -41.74
CA SER B 122 -41.72 4.92 -41.51
C SER B 122 -41.68 3.90 -40.39
N GLU B 123 -40.60 3.12 -40.31
CA GLU B 123 -40.49 2.09 -39.27
C GLU B 123 -40.57 2.70 -37.88
N GLN B 124 -40.02 3.91 -37.71
CA GLN B 124 -40.08 4.57 -36.41
C GLN B 124 -41.45 5.15 -36.15
N LEU B 125 -42.09 5.71 -37.20
CA LEU B 125 -43.43 6.24 -37.04
C LEU B 125 -44.42 5.16 -36.65
N THR B 126 -44.20 3.91 -37.09
CA THR B 126 -45.05 2.82 -36.63
C THR B 126 -44.82 2.46 -35.17
N SER B 127 -43.72 2.93 -34.57
CA SER B 127 -43.50 2.84 -33.14
C SER B 127 -44.06 4.03 -32.37
N GLY B 128 -44.70 4.97 -33.06
CA GLY B 128 -45.17 6.19 -32.43
C GLY B 128 -44.09 7.22 -32.17
N GLY B 129 -42.84 6.94 -32.51
CA GLY B 129 -41.74 7.88 -32.35
C GLY B 129 -41.38 8.54 -33.67
N ALA B 130 -40.62 9.62 -33.56
CA ALA B 130 -40.22 10.38 -34.74
C ALA B 130 -38.92 11.09 -34.42
N SER B 131 -37.82 10.64 -35.01
CA SER B 131 -36.53 11.29 -34.85
C SER B 131 -36.16 11.99 -36.15
N VAL B 132 -36.03 13.30 -36.10
CA VAL B 132 -35.39 14.07 -37.16
C VAL B 132 -33.90 14.14 -36.84
N VAL B 133 -33.07 13.85 -37.83
CA VAL B 133 -31.63 13.77 -37.59
C VAL B 133 -30.91 14.79 -38.44
N CYS B 134 -29.86 15.39 -37.87
CA CYS B 134 -29.01 16.36 -38.55
C CYS B 134 -27.56 15.95 -38.38
N PHE B 135 -26.86 15.76 -39.48
CA PHE B 135 -25.43 15.48 -39.47
C PHE B 135 -24.70 16.75 -39.86
N LEU B 136 -23.71 17.14 -39.05
CA LEU B 136 -22.80 18.23 -39.38
C LEU B 136 -21.42 17.59 -39.43
N ASN B 137 -20.90 17.39 -40.63
CA ASN B 137 -19.70 16.58 -40.82
C ASN B 137 -18.51 17.45 -41.20
N ASN B 138 -17.35 17.09 -40.63
CA ASN B 138 -16.03 17.54 -41.08
C ASN B 138 -15.89 19.06 -41.02
N PHE B 139 -15.93 19.56 -39.80
CA PHE B 139 -15.76 20.99 -39.55
C PHE B 139 -14.68 21.21 -38.51
N TYR B 140 -14.13 22.43 -38.50
CA TYR B 140 -13.15 22.86 -37.52
C TYR B 140 -13.27 24.37 -37.43
N PRO B 141 -13.20 24.95 -36.21
CA PRO B 141 -13.03 24.28 -34.91
C PRO B 141 -14.30 23.59 -34.44
N LYS B 142 -14.23 22.92 -33.29
CA LYS B 142 -15.38 22.20 -32.78
C LYS B 142 -16.46 23.12 -32.24
N ASP B 143 -16.20 24.43 -32.16
CA ASP B 143 -17.16 25.39 -31.65
C ASP B 143 -18.27 25.58 -32.68
N ILE B 144 -19.40 24.92 -32.46
CA ILE B 144 -20.54 25.01 -33.37
C ILE B 144 -21.81 25.10 -32.54
N ASN B 145 -22.83 25.75 -33.09
CA ASN B 145 -24.10 25.90 -32.40
C ASN B 145 -25.22 25.37 -33.30
N VAL B 146 -26.13 24.59 -32.72
CA VAL B 146 -27.21 23.97 -33.47
C VAL B 146 -28.53 24.31 -32.81
N LYS B 147 -29.46 24.86 -33.60
CA LYS B 147 -30.81 25.15 -33.20
C LYS B 147 -31.78 24.31 -34.03
N TRP B 148 -32.87 23.89 -33.40
CA TRP B 148 -33.95 23.19 -34.07
C TRP B 148 -35.18 24.09 -34.11
N LYS B 149 -35.79 24.19 -35.29
CA LYS B 149 -36.99 25.00 -35.47
C LYS B 149 -38.12 24.13 -35.99
N ILE B 150 -39.27 24.23 -35.33
CA ILE B 150 -40.52 23.62 -35.77
C ILE B 150 -41.48 24.76 -36.11
N ASP B 151 -41.89 24.82 -37.38
CA ASP B 151 -42.77 25.88 -37.88
C ASP B 151 -42.28 27.26 -37.44
N GLY B 152 -40.97 27.46 -37.49
CA GLY B 152 -40.38 28.74 -37.21
C GLY B 152 -39.98 28.97 -35.76
N SER B 153 -40.43 28.13 -34.84
CA SER B 153 -40.19 28.35 -33.42
C SER B 153 -39.10 27.42 -32.93
N GLU B 154 -38.27 27.90 -32.00
CA GLU B 154 -37.14 27.11 -31.52
C GLU B 154 -37.59 26.07 -30.50
N ARG B 155 -36.93 24.92 -30.55
CA ARG B 155 -37.23 23.79 -29.66
C ARG B 155 -35.96 23.40 -28.92
N GLN B 156 -36.07 23.25 -27.61
CA GLN B 156 -34.94 22.94 -26.75
C GLN B 156 -35.00 21.52 -26.18
N ASN B 157 -36.11 21.14 -25.57
CA ASN B 157 -36.25 19.82 -24.99
C ASN B 157 -36.50 18.78 -26.08
N GLY B 158 -35.86 17.63 -25.93
CA GLY B 158 -35.93 16.58 -26.94
C GLY B 158 -34.84 16.63 -27.98
N VAL B 159 -33.72 17.29 -27.68
CA VAL B 159 -32.62 17.44 -28.61
C VAL B 159 -31.40 16.78 -28.00
N LEU B 160 -30.86 15.77 -28.67
CA LEU B 160 -29.66 15.07 -28.25
C LEU B 160 -28.52 15.46 -29.18
N ASN B 161 -27.34 15.64 -28.63
CA ASN B 161 -26.19 16.11 -29.41
C ASN B 161 -24.98 15.26 -29.10
N SER B 162 -24.37 14.71 -30.15
CA SER B 162 -23.22 13.82 -30.01
C SER B 162 -22.09 14.33 -30.90
N TRP B 163 -20.93 14.58 -30.30
CA TRP B 163 -19.72 14.97 -31.02
C TRP B 163 -18.80 13.77 -31.17
N THR B 164 -18.03 13.77 -32.25
CA THR B 164 -16.95 12.81 -32.39
C THR B 164 -15.66 13.42 -31.89
N ASP B 165 -14.72 12.55 -31.52
CA ASP B 165 -13.37 13.04 -31.27
C ASP B 165 -12.74 13.52 -32.58
N GLN B 166 -11.66 14.29 -32.44
CA GLN B 166 -10.99 14.83 -33.62
C GLN B 166 -10.54 13.70 -34.53
N ASP B 167 -10.76 13.87 -35.83
CA ASP B 167 -10.59 12.77 -36.76
C ASP B 167 -9.11 12.43 -36.94
N SER B 168 -8.82 11.13 -37.02
CA SER B 168 -7.46 10.68 -37.22
C SER B 168 -6.92 11.10 -38.57
N LYS B 169 -7.80 11.25 -39.57
CA LYS B 169 -7.37 11.52 -40.94
C LYS B 169 -7.22 13.01 -41.22
N ASP B 170 -8.31 13.77 -41.07
CA ASP B 170 -8.32 15.17 -41.47
C ASP B 170 -8.39 16.13 -40.29
N SER B 171 -8.31 15.62 -39.05
CA SER B 171 -8.32 16.44 -37.84
C SER B 171 -9.55 17.32 -37.72
N THR B 172 -10.65 16.92 -38.37
CA THR B 172 -11.91 17.64 -38.27
C THR B 172 -12.77 17.05 -37.15
N TYR B 173 -13.88 17.73 -36.87
CA TYR B 173 -14.89 17.23 -35.95
C TYR B 173 -16.19 16.99 -36.72
N SER B 174 -17.05 16.15 -36.15
CA SER B 174 -18.39 15.95 -36.67
C SER B 174 -19.34 15.80 -35.49
N MET B 175 -20.61 16.09 -35.74
CA MET B 175 -21.62 15.93 -34.70
C MET B 175 -22.94 15.53 -35.34
N SER B 176 -23.77 14.86 -34.54
CA SER B 176 -25.14 14.57 -34.90
C SER B 176 -26.07 15.22 -33.88
N SER B 177 -27.16 15.80 -34.38
CA SER B 177 -28.19 16.40 -33.55
C SER B 177 -29.52 15.71 -33.87
N THR B 178 -30.16 15.18 -32.84
CA THR B 178 -31.38 14.40 -33.02
C THR B 178 -32.51 15.07 -32.27
N LEU B 179 -33.59 15.38 -32.98
CA LEU B 179 -34.82 15.91 -32.40
C LEU B 179 -35.80 14.75 -32.32
N THR B 180 -36.11 14.33 -31.09
CA THR B 180 -36.97 13.18 -30.87
C THR B 180 -38.32 13.67 -30.37
N LEU B 181 -39.36 13.35 -31.13
CA LEU B 181 -40.73 13.74 -30.85
C LEU B 181 -41.60 12.50 -30.85
N THR B 182 -42.78 12.63 -30.26
CA THR B 182 -43.78 11.60 -30.48
C THR B 182 -44.42 11.80 -31.85
N LYS B 183 -44.97 10.72 -32.40
CA LYS B 183 -45.66 10.83 -33.68
C LYS B 183 -46.79 11.83 -33.60
N ASP B 184 -47.50 11.88 -32.47
CA ASP B 184 -48.63 12.78 -32.34
C ASP B 184 -48.21 14.24 -32.52
N GLU B 185 -47.18 14.66 -31.78
CA GLU B 185 -46.69 16.02 -31.95
C GLU B 185 -46.08 16.22 -33.34
N TYR B 186 -45.40 15.20 -33.87
CA TYR B 186 -44.73 15.33 -35.15
C TYR B 186 -45.74 15.61 -36.27
N GLU B 187 -46.85 14.89 -36.28
CA GLU B 187 -47.86 15.04 -37.33
C GLU B 187 -48.71 16.29 -37.17
N ARG B 188 -48.49 17.10 -36.14
CA ARG B 188 -49.22 18.34 -35.94
C ARG B 188 -48.46 19.56 -36.44
N HIS B 189 -47.25 19.38 -36.94
CA HIS B 189 -46.44 20.47 -37.46
C HIS B 189 -45.92 20.09 -38.84
N ASN B 190 -45.42 21.09 -39.57
CA ASN B 190 -45.11 20.94 -40.98
C ASN B 190 -43.63 21.07 -41.29
N SER B 191 -42.99 22.16 -40.88
CA SER B 191 -41.63 22.47 -41.29
C SER B 191 -40.65 22.13 -40.16
N TYR B 192 -39.61 21.37 -40.49
CA TYR B 192 -38.59 20.98 -39.53
C TYR B 192 -37.24 21.46 -40.04
N THR B 193 -36.53 22.22 -39.19
CA THR B 193 -35.39 23.02 -39.61
C THR B 193 -34.22 22.78 -38.66
N CYS B 194 -33.04 22.57 -39.22
CA CYS B 194 -31.80 22.41 -38.49
C CYS B 194 -30.87 23.54 -38.89
N GLU B 195 -30.57 24.43 -37.94
CA GLU B 195 -29.84 25.65 -38.19
C GLU B 195 -28.51 25.58 -37.44
N ALA B 196 -27.41 25.89 -38.13
CA ALA B 196 -26.07 25.69 -37.59
C ALA B 196 -25.26 26.97 -37.77
N THR B 197 -24.76 27.53 -36.68
CA THR B 197 -23.83 28.64 -36.74
C THR B 197 -22.42 28.15 -36.45
N HIS B 198 -21.48 28.59 -37.28
CA HIS B 198 -20.08 28.22 -37.20
C HIS B 198 -19.25 29.39 -37.68
N LYS B 199 -18.03 29.51 -37.13
CA LYS B 199 -17.15 30.63 -37.44
C LYS B 199 -16.90 30.77 -38.94
N THR B 200 -16.92 29.66 -39.68
CA THR B 200 -16.60 29.69 -41.11
C THR B 200 -17.65 30.42 -41.95
N SER B 201 -18.76 30.85 -41.36
CA SER B 201 -19.81 31.52 -42.12
C SER B 201 -20.46 32.58 -41.24
N THR B 202 -20.77 33.73 -41.84
CA THR B 202 -21.47 34.77 -41.09
C THR B 202 -22.97 34.52 -41.06
N SER B 203 -23.51 33.85 -42.08
CA SER B 203 -24.91 33.46 -42.16
C SER B 203 -25.08 32.04 -41.63
N PRO B 204 -26.17 31.76 -40.92
CA PRO B 204 -26.42 30.39 -40.46
C PRO B 204 -26.64 29.44 -41.63
N ILE B 205 -26.20 28.20 -41.43
CA ILE B 205 -26.39 27.13 -42.41
C ILE B 205 -27.70 26.43 -42.06
N VAL B 206 -28.66 26.47 -42.97
CA VAL B 206 -30.02 26.02 -42.69
C VAL B 206 -30.31 24.81 -43.57
N LYS B 207 -30.91 23.78 -42.97
CA LYS B 207 -31.36 22.60 -43.70
C LYS B 207 -32.75 22.25 -43.20
N SER B 208 -33.72 22.16 -44.11
CA SER B 208 -35.11 22.02 -43.69
C SER B 208 -35.84 21.03 -44.57
N PHE B 209 -36.96 20.53 -44.06
CA PHE B 209 -37.90 19.78 -44.89
C PHE B 209 -39.31 20.00 -44.38
N ASN B 210 -40.25 19.97 -45.32
CA ASN B 210 -41.68 20.10 -45.04
C ASN B 210 -42.31 18.72 -45.02
N ARG B 211 -43.07 18.43 -43.96
CA ARG B 211 -43.59 17.08 -43.78
C ARG B 211 -44.64 16.73 -44.82
N ASN B 212 -45.33 17.72 -45.38
CA ASN B 212 -46.40 17.43 -46.33
C ASN B 212 -45.92 17.20 -47.75
N GLU B 213 -44.63 17.41 -48.03
CA GLU B 213 -44.08 17.14 -49.36
C GLU B 213 -43.25 15.87 -49.37
N CYS B 214 -43.69 14.86 -48.62
CA CYS B 214 -42.94 13.62 -48.44
C CYS B 214 -43.70 12.43 -48.99
N ASN B 215 -42.95 11.35 -49.20
CA ASN B 215 -43.51 10.10 -49.72
C ASN B 215 -42.59 8.92 -49.39
N GLU C 1 9.61 -7.04 -16.58
CA GLU C 1 8.67 -6.11 -17.20
C GLU C 1 7.37 -6.02 -16.41
N VAL C 2 7.03 -4.81 -15.98
CA VAL C 2 5.91 -4.63 -15.05
C VAL C 2 4.61 -4.58 -15.85
N GLN C 3 3.56 -5.18 -15.30
CA GLN C 3 2.25 -5.17 -15.92
C GLN C 3 1.18 -5.31 -14.85
N LEU C 4 0.15 -4.47 -14.93
CA LEU C 4 -1.00 -4.52 -14.03
C LEU C 4 -2.23 -4.80 -14.89
N GLN C 5 -2.75 -6.02 -14.82
CA GLN C 5 -3.92 -6.42 -15.59
C GLN C 5 -5.14 -6.43 -14.69
N GLN C 6 -6.15 -5.64 -15.05
CA GLN C 6 -7.38 -5.55 -14.28
C GLN C 6 -8.46 -6.43 -14.89
N SER C 7 -9.50 -6.71 -14.10
CA SER C 7 -10.58 -7.58 -14.52
C SER C 7 -11.42 -6.91 -15.61
N GLY C 8 -12.39 -7.65 -16.12
CA GLY C 8 -13.26 -7.14 -17.16
C GLY C 8 -14.26 -6.11 -16.64
N ALA C 9 -15.04 -5.57 -17.57
CA ALA C 9 -16.04 -4.57 -17.23
C ALA C 9 -17.21 -5.20 -16.49
N GLU C 10 -17.87 -4.38 -15.68
CA GLU C 10 -18.94 -4.82 -14.79
C GLU C 10 -20.23 -4.08 -15.12
N LEU C 11 -21.34 -4.80 -15.11
CA LEU C 11 -22.67 -4.24 -15.37
C LEU C 11 -23.55 -4.69 -14.21
N VAL C 12 -23.68 -3.83 -13.20
CA VAL C 12 -24.26 -4.20 -11.91
C VAL C 12 -25.58 -3.47 -11.71
N LYS C 13 -26.54 -4.15 -11.09
CA LYS C 13 -27.77 -3.51 -10.68
C LYS C 13 -27.53 -2.62 -9.45
N PRO C 14 -28.26 -1.51 -9.34
CA PRO C 14 -28.04 -0.61 -8.20
C PRO C 14 -28.40 -1.24 -6.87
N GLY C 15 -27.64 -0.88 -5.85
CA GLY C 15 -27.72 -1.48 -4.54
C GLY C 15 -26.77 -2.63 -4.31
N ALA C 16 -26.42 -3.36 -5.37
CA ALA C 16 -25.55 -4.52 -5.24
C ALA C 16 -24.10 -4.09 -4.97
N SER C 17 -23.22 -5.08 -4.95
CA SER C 17 -21.78 -4.87 -4.74
C SER C 17 -21.02 -5.47 -5.92
N VAL C 18 -19.77 -5.06 -6.05
CA VAL C 18 -18.89 -5.58 -7.10
C VAL C 18 -17.46 -5.61 -6.59
N LYS C 19 -16.64 -6.49 -7.16
CA LYS C 19 -15.27 -6.69 -6.72
C LYS C 19 -14.37 -6.76 -7.94
N ILE C 20 -13.54 -5.72 -8.13
CA ILE C 20 -12.60 -5.62 -9.24
C ILE C 20 -11.24 -6.10 -8.75
N SER C 21 -10.49 -6.75 -9.64
CA SER C 21 -9.18 -7.27 -9.33
C SER C 21 -8.11 -6.58 -10.16
N CYS C 22 -6.86 -6.71 -9.69
CA CYS C 22 -5.72 -6.04 -10.31
C CYS C 22 -4.50 -6.92 -10.05
N LYS C 23 -4.10 -7.71 -11.05
CA LYS C 23 -2.99 -8.64 -10.91
C LYS C 23 -1.71 -8.01 -11.41
N ALA C 24 -0.68 -8.05 -10.57
CA ALA C 24 0.61 -7.43 -10.86
C ALA C 24 1.62 -8.50 -11.29
N SER C 25 2.54 -8.10 -12.16
CA SER C 25 3.62 -8.98 -12.56
C SER C 25 4.86 -8.16 -12.89
N GLY C 26 6.01 -8.64 -12.44
CA GLY C 26 7.28 -8.02 -12.79
C GLY C 26 8.04 -7.38 -11.65
N TYR C 27 7.63 -7.59 -10.40
CA TYR C 27 8.31 -7.00 -9.25
C TYR C 27 7.83 -7.69 -7.99
N SER C 28 8.47 -7.37 -6.87
CA SER C 28 8.06 -7.89 -5.58
C SER C 28 6.77 -7.20 -5.16
N PHE C 29 5.67 -7.96 -5.17
CA PHE C 29 4.35 -7.38 -4.93
C PHE C 29 4.25 -6.74 -3.56
N THR C 30 4.82 -7.38 -2.53
CA THR C 30 4.63 -6.94 -1.15
C THR C 30 5.35 -5.64 -0.81
N GLY C 31 6.09 -5.05 -1.74
CA GLY C 31 6.88 -3.87 -1.43
C GLY C 31 6.22 -2.56 -1.83
N TYR C 32 5.53 -2.56 -2.97
CA TYR C 32 4.95 -1.36 -3.54
C TYR C 32 3.48 -1.26 -3.18
N ASN C 33 3.12 -0.19 -2.47
CA ASN C 33 1.72 0.02 -2.08
C ASN C 33 0.86 0.19 -3.32
N MET C 34 -0.36 -0.33 -3.25
CA MET C 34 -1.28 -0.32 -4.39
C MET C 34 -2.34 0.75 -4.17
N ASN C 35 -2.39 1.72 -5.08
CA ASN C 35 -3.39 2.78 -5.07
C ASN C 35 -4.55 2.41 -5.96
N TRP C 36 -5.73 2.91 -5.60
CA TRP C 36 -6.93 2.80 -6.42
C TRP C 36 -7.49 4.20 -6.63
N VAL C 37 -7.87 4.47 -7.89
CA VAL C 37 -8.24 5.79 -8.38
C VAL C 37 -9.48 5.65 -9.23
N LYS C 38 -10.39 6.62 -9.14
CA LYS C 38 -11.63 6.63 -9.89
C LYS C 38 -11.57 7.72 -10.96
N GLN C 39 -12.19 7.44 -12.12
CA GLN C 39 -12.37 8.41 -13.18
C GLN C 39 -13.83 8.37 -13.61
N SER C 40 -14.56 9.42 -13.26
CA SER C 40 -15.98 9.52 -13.58
C SER C 40 -16.18 9.70 -15.09
N ARG C 41 -17.44 9.61 -15.51
CA ARG C 41 -17.80 9.94 -16.89
C ARG C 41 -17.30 11.33 -17.27
N GLY C 42 -17.23 12.24 -16.30
CA GLY C 42 -16.73 13.59 -16.51
C GLY C 42 -15.22 13.72 -16.62
N LYS C 43 -14.51 12.61 -16.81
CA LYS C 43 -13.06 12.57 -17.06
C LYS C 43 -12.23 13.08 -15.89
N SER C 44 -12.84 13.39 -14.76
CA SER C 44 -12.11 13.86 -13.59
C SER C 44 -11.67 12.68 -12.73
N LEU C 45 -10.50 12.83 -12.11
CA LEU C 45 -9.85 11.74 -11.38
C LEU C 45 -9.98 11.96 -9.89
N GLU C 46 -10.08 10.84 -9.15
CA GLU C 46 -10.21 10.88 -7.70
C GLU C 46 -9.38 9.76 -7.11
N TRP C 47 -8.57 10.09 -6.11
CA TRP C 47 -7.76 9.11 -5.39
C TRP C 47 -8.67 8.40 -4.38
N ILE C 48 -9.08 7.18 -4.71
CA ILE C 48 -9.90 6.40 -3.79
C ILE C 48 -9.10 6.06 -2.54
N GLY C 49 -7.90 5.52 -2.71
CA GLY C 49 -7.08 5.22 -1.55
C GLY C 49 -5.90 4.35 -1.92
N TYR C 50 -5.28 3.78 -0.89
CA TYR C 50 -4.18 2.86 -1.14
C TYR C 50 -4.12 1.82 -0.03
N ILE C 51 -3.45 0.71 -0.33
CA ILE C 51 -3.25 -0.39 0.60
C ILE C 51 -1.78 -0.80 0.59
N ASN C 52 -1.23 -1.05 1.77
CA ASN C 52 0.11 -1.60 1.89
C ASN C 52 0.01 -3.12 1.78
N PRO C 53 0.53 -3.73 0.72
CA PRO C 53 0.33 -5.18 0.55
C PRO C 53 1.03 -6.01 1.62
N PHE C 54 2.14 -5.54 2.15
CA PHE C 54 2.85 -6.30 3.19
C PHE C 54 1.99 -6.44 4.44
N TYR C 55 1.65 -5.33 5.08
CA TYR C 55 0.95 -5.36 6.36
C TYR C 55 -0.57 -5.34 6.21
N GLY C 56 -1.08 -5.32 4.99
CA GLY C 56 -2.51 -5.26 4.78
C GLY C 56 -3.16 -3.97 5.20
N THR C 57 -2.37 -3.00 5.68
CA THR C 57 -2.91 -1.73 6.15
C THR C 57 -3.38 -0.87 4.99
N THR C 58 -4.39 -0.06 5.24
CA THR C 58 -5.04 0.74 4.22
C THR C 58 -5.11 2.19 4.68
N ASN C 59 -5.10 3.10 3.70
CA ASN C 59 -5.33 4.51 3.94
C ASN C 59 -6.31 5.02 2.89
N TYR C 60 -7.47 5.46 3.35
CA TYR C 60 -8.58 5.82 2.48
C TYR C 60 -8.73 7.33 2.36
N ASN C 61 -9.23 7.76 1.20
CA ASN C 61 -9.85 9.07 1.11
C ASN C 61 -11.14 9.05 1.93
N GLN C 62 -11.28 10.01 2.85
CA GLN C 62 -12.44 10.04 3.73
C GLN C 62 -13.75 10.08 2.97
N ARG C 63 -13.72 10.44 1.69
CA ARG C 63 -14.93 10.47 0.88
C ARG C 63 -15.39 9.07 0.48
N PHE C 64 -14.47 8.11 0.41
CA PHE C 64 -14.78 6.75 -0.04
C PHE C 64 -14.90 5.75 1.10
N LYS C 65 -14.67 6.18 2.34
CA LYS C 65 -14.78 5.26 3.47
C LYS C 65 -16.15 4.62 3.52
N GLY C 66 -16.18 3.31 3.73
CA GLY C 66 -17.42 2.55 3.69
C GLY C 66 -17.99 2.30 2.32
N LYS C 67 -17.49 3.00 1.29
CA LYS C 67 -17.88 2.74 -0.09
C LYS C 67 -16.92 1.77 -0.77
N ALA C 68 -15.63 1.87 -0.47
CA ALA C 68 -14.61 1.03 -1.06
C ALA C 68 -13.97 0.17 0.02
N THR C 69 -13.57 -1.03 -0.37
CA THR C 69 -12.84 -1.94 0.52
C THR C 69 -11.66 -2.51 -0.25
N LEU C 70 -10.45 -2.19 0.20
CA LEU C 70 -9.24 -2.64 -0.46
C LEU C 70 -8.75 -3.91 0.22
N THR C 71 -8.39 -4.91 -0.58
CA THR C 71 -7.86 -6.17 -0.08
C THR C 71 -6.73 -6.63 -0.98
N VAL C 72 -5.92 -7.56 -0.46
CA VAL C 72 -4.83 -8.14 -1.22
C VAL C 72 -4.86 -9.65 -1.09
N ASP C 73 -4.25 -10.32 -2.06
CA ASP C 73 -3.95 -11.73 -2.02
C ASP C 73 -2.48 -11.88 -2.38
N LYS C 74 -1.64 -12.08 -1.37
CA LYS C 74 -0.20 -12.20 -1.60
C LYS C 74 0.13 -13.42 -2.43
N SER C 75 -0.62 -14.52 -2.25
CA SER C 75 -0.37 -15.73 -3.02
C SER C 75 -0.52 -15.46 -4.52
N SER C 76 -1.67 -14.93 -4.93
CA SER C 76 -1.88 -14.56 -6.32
C SER C 76 -1.29 -13.19 -6.65
N SER C 77 -0.69 -12.51 -5.68
CA SER C 77 -0.11 -11.18 -5.87
C SER C 77 -1.10 -10.26 -6.58
N THR C 78 -2.30 -10.16 -6.02
CA THR C 78 -3.40 -9.45 -6.68
C THR C 78 -4.09 -8.53 -5.69
N ALA C 79 -4.27 -7.28 -6.09
CA ALA C 79 -5.08 -6.35 -5.31
C ALA C 79 -6.55 -6.46 -5.73
N TYR C 80 -7.42 -6.02 -4.84
CA TYR C 80 -8.85 -6.05 -5.09
C TYR C 80 -9.49 -4.81 -4.47
N ILE C 81 -10.46 -4.25 -5.17
CA ILE C 81 -11.32 -3.20 -4.63
C ILE C 81 -12.75 -3.69 -4.69
N GLN C 82 -13.49 -3.50 -3.61
CA GLN C 82 -14.89 -3.91 -3.55
C GLN C 82 -15.75 -2.68 -3.27
N LEU C 83 -16.71 -2.44 -4.14
CA LEU C 83 -17.64 -1.32 -4.03
C LEU C 83 -19.01 -1.86 -3.63
N ASN C 84 -19.53 -1.36 -2.52
CA ASN C 84 -20.82 -1.79 -1.98
C ASN C 84 -21.85 -0.69 -2.12
N SER C 85 -23.12 -1.08 -2.15
CA SER C 85 -24.24 -0.15 -2.20
C SER C 85 -24.11 0.80 -3.40
N LEU C 86 -24.11 0.19 -4.58
CA LEU C 86 -23.81 0.91 -5.82
C LEU C 86 -25.00 1.76 -6.24
N THR C 87 -24.72 3.02 -6.57
CA THR C 87 -25.68 3.95 -7.15
C THR C 87 -25.17 4.43 -8.50
N SER C 88 -25.95 5.30 -9.15
CA SER C 88 -25.56 5.82 -10.45
C SER C 88 -24.23 6.55 -10.38
N GLU C 89 -24.00 7.31 -9.31
CA GLU C 89 -22.76 8.06 -9.15
C GLU C 89 -21.53 7.17 -9.10
N ASP C 90 -21.71 5.86 -8.87
CA ASP C 90 -20.59 4.93 -8.77
C ASP C 90 -20.13 4.38 -10.11
N SER C 91 -20.94 4.50 -11.16
CA SER C 91 -20.52 4.01 -12.46
C SER C 91 -19.41 4.90 -13.02
N ALA C 92 -18.25 4.30 -13.25
CA ALA C 92 -17.07 5.05 -13.70
C ALA C 92 -16.01 4.03 -14.12
N VAL C 93 -14.82 4.52 -14.44
CA VAL C 93 -13.67 3.65 -14.67
C VAL C 93 -12.82 3.65 -13.41
N TYR C 94 -12.28 2.49 -13.06
CA TYR C 94 -11.47 2.34 -11.85
C TYR C 94 -10.10 1.81 -12.24
N TYR C 95 -9.06 2.53 -11.84
CA TYR C 95 -7.68 2.16 -12.11
C TYR C 95 -6.98 1.75 -10.83
N CYS C 96 -6.17 0.69 -10.92
CA CYS C 96 -5.16 0.43 -9.92
C CYS C 96 -3.83 1.00 -10.41
N ALA C 97 -2.96 1.33 -9.46
CA ALA C 97 -1.69 1.94 -9.78
C ALA C 97 -0.68 1.60 -8.70
N ARG C 98 0.60 1.66 -9.07
CA ARG C 98 1.67 1.25 -8.18
C ARG C 98 2.36 2.48 -7.61
N ARG C 99 2.65 2.45 -6.32
CA ARG C 99 3.34 3.56 -5.67
C ARG C 99 4.76 3.71 -6.23
N TYR C 100 5.04 4.87 -6.81
CA TYR C 100 6.39 5.19 -7.25
C TYR C 100 7.25 5.48 -6.02
N LEU C 101 8.19 4.57 -5.73
CA LEU C 101 8.97 4.70 -4.51
C LEU C 101 9.84 5.97 -4.53
N THR C 102 10.50 6.23 -5.65
CA THR C 102 11.34 7.43 -5.76
C THR C 102 10.54 8.70 -5.52
N GLY C 103 9.35 8.79 -6.11
CA GLY C 103 8.55 10.00 -6.03
C GLY C 103 7.42 9.91 -5.03
N THR C 104 7.52 10.68 -3.95
CA THR C 104 6.49 10.66 -2.91
C THR C 104 5.14 11.07 -3.47
N GLY C 105 4.11 10.29 -3.17
CA GLY C 105 2.76 10.62 -3.58
C GLY C 105 2.50 10.47 -5.06
N ALA C 106 3.31 9.70 -5.77
CA ALA C 106 3.14 9.49 -7.20
C ALA C 106 2.95 8.01 -7.49
N MET C 107 2.16 7.72 -8.53
CA MET C 107 1.95 6.36 -9.02
C MET C 107 2.58 6.24 -10.40
N ASP C 108 3.51 5.30 -10.55
CA ASP C 108 4.29 5.19 -11.77
C ASP C 108 3.66 4.29 -12.82
N TYR C 109 3.05 3.18 -12.43
CA TYR C 109 2.51 2.21 -13.36
C TYR C 109 1.03 2.00 -13.05
N TRP C 110 0.19 2.22 -14.06
CA TRP C 110 -1.25 2.11 -13.92
C TRP C 110 -1.78 0.89 -14.66
N GLY C 111 -2.99 0.48 -14.27
CA GLY C 111 -3.68 -0.57 -14.98
C GLY C 111 -4.46 -0.02 -16.17
N GLN C 112 -5.04 -0.93 -16.94
CA GLN C 112 -5.80 -0.52 -18.12
C GLN C 112 -7.19 -0.03 -17.78
N GLY C 113 -7.60 -0.11 -16.52
CA GLY C 113 -8.88 0.40 -16.10
C GLY C 113 -9.98 -0.65 -16.15
N THR C 114 -11.03 -0.41 -15.36
CA THR C 114 -12.17 -1.30 -15.31
C THR C 114 -13.43 -0.45 -15.32
N SER C 115 -14.26 -0.61 -16.34
CA SER C 115 -15.53 0.09 -16.39
C SER C 115 -16.52 -0.59 -15.46
N VAL C 116 -17.29 0.22 -14.73
CA VAL C 116 -18.39 -0.25 -13.91
C VAL C 116 -19.60 0.59 -14.26
N THR C 117 -20.68 -0.07 -14.66
CA THR C 117 -21.93 0.59 -15.02
C THR C 117 -23.03 0.12 -14.07
N VAL C 118 -23.56 1.06 -13.29
CA VAL C 118 -24.70 0.81 -12.43
C VAL C 118 -25.96 1.18 -13.20
N SER C 119 -26.84 0.20 -13.41
CA SER C 119 -28.08 0.45 -14.13
C SER C 119 -29.04 -0.72 -13.87
N SER C 120 -30.32 -0.37 -13.68
CA SER C 120 -31.38 -1.36 -13.54
C SER C 120 -32.13 -1.61 -14.84
N ALA C 121 -31.43 -1.50 -15.97
CA ALA C 121 -32.02 -1.74 -17.29
C ALA C 121 -31.75 -3.17 -17.73
N LYS C 122 -32.73 -3.76 -18.41
CA LYS C 122 -32.56 -5.10 -18.94
C LYS C 122 -31.85 -5.04 -20.28
N THR C 123 -31.21 -6.14 -20.65
CA THR C 123 -30.62 -6.25 -21.98
C THR C 123 -31.71 -6.08 -23.03
N THR C 124 -31.50 -5.12 -23.94
CA THR C 124 -32.50 -4.79 -24.93
C THR C 124 -31.83 -4.68 -26.30
N PRO C 125 -32.30 -5.39 -27.30
CA PRO C 125 -31.74 -5.26 -28.65
C PRO C 125 -32.07 -3.90 -29.23
N PRO C 126 -31.29 -3.43 -30.20
CA PRO C 126 -31.52 -2.09 -30.74
C PRO C 126 -32.54 -2.06 -31.87
N SER C 127 -33.18 -0.90 -32.00
CA SER C 127 -34.04 -0.61 -33.14
C SER C 127 -33.22 0.17 -34.17
N VAL C 128 -33.04 -0.42 -35.35
CA VAL C 128 -32.24 0.18 -36.41
C VAL C 128 -33.19 0.90 -37.38
N TYR C 129 -33.00 2.21 -37.52
CA TYR C 129 -33.79 3.02 -38.42
C TYR C 129 -32.92 3.58 -39.54
N PRO C 130 -33.36 3.47 -40.78
CA PRO C 130 -32.56 4.02 -41.89
C PRO C 130 -32.79 5.51 -42.07
N LEU C 131 -31.72 6.23 -42.39
CA LEU C 131 -31.75 7.65 -42.67
C LEU C 131 -31.33 7.84 -44.12
N ALA C 132 -32.30 8.13 -44.97
CA ALA C 132 -32.11 8.40 -46.38
C ALA C 132 -32.38 9.86 -46.68
N PRO C 133 -31.79 10.40 -47.76
CA PRO C 133 -32.00 11.82 -48.07
C PRO C 133 -33.48 12.18 -48.09
N GLY C 134 -33.76 13.42 -47.73
CA GLY C 134 -35.11 13.86 -47.47
C GLY C 134 -36.09 13.80 -48.62
N CYS C 135 -37.29 14.30 -48.36
CA CYS C 135 -38.42 14.20 -49.28
C CYS C 135 -38.13 14.93 -50.60
N GLY C 136 -37.99 16.24 -50.53
CA GLY C 136 -37.65 17.01 -51.71
C GLY C 136 -36.25 17.57 -51.59
N ASP C 137 -35.36 16.81 -50.95
CA ASP C 137 -34.01 17.27 -50.65
C ASP C 137 -33.14 17.16 -51.90
N THR C 138 -32.67 18.30 -52.39
CA THR C 138 -31.75 18.33 -53.51
C THR C 138 -30.36 17.87 -53.06
N THR C 139 -29.78 16.94 -53.80
CA THR C 139 -28.46 16.41 -53.48
C THR C 139 -27.43 16.94 -54.46
N GLY C 140 -26.18 16.95 -54.01
CA GLY C 140 -25.05 17.43 -54.79
C GLY C 140 -24.29 16.31 -55.46
N SER C 141 -22.96 16.43 -55.43
CA SER C 141 -22.12 15.36 -55.96
C SER C 141 -22.05 14.18 -54.99
N SER C 142 -22.05 14.46 -53.70
CA SER C 142 -22.02 13.44 -52.67
C SER C 142 -23.39 13.33 -51.99
N VAL C 143 -23.67 12.16 -51.45
CA VAL C 143 -24.89 11.89 -50.70
C VAL C 143 -24.48 11.22 -49.40
N THR C 144 -25.02 11.72 -48.29
CA THR C 144 -24.76 11.17 -46.96
C THR C 144 -25.96 10.34 -46.55
N LEU C 145 -25.72 9.06 -46.28
CA LEU C 145 -26.70 8.12 -45.76
C LEU C 145 -26.39 7.84 -44.29
N GLY C 146 -27.40 7.40 -43.55
CA GLY C 146 -27.20 7.18 -42.14
C GLY C 146 -28.01 6.04 -41.58
N CYS C 147 -27.66 5.66 -40.36
CA CYS C 147 -28.42 4.67 -39.60
C CYS C 147 -28.48 5.11 -38.15
N LEU C 148 -29.69 5.18 -37.63
CA LEU C 148 -29.96 5.56 -36.25
C LEU C 148 -30.22 4.30 -35.43
N VAL C 149 -29.44 4.08 -34.38
CA VAL C 149 -29.55 2.90 -33.54
C VAL C 149 -30.13 3.37 -32.22
N LYS C 150 -31.37 2.98 -31.92
CA LYS C 150 -32.14 3.57 -30.84
C LYS C 150 -32.60 2.51 -29.85
N GLY C 151 -32.44 2.81 -28.56
CA GLY C 151 -33.15 2.07 -27.54
C GLY C 151 -32.57 0.74 -27.15
N TYR C 152 -31.24 0.63 -27.09
CA TYR C 152 -30.59 -0.62 -26.75
C TYR C 152 -29.89 -0.51 -25.41
N PHE C 153 -29.52 -1.67 -24.86
CA PHE C 153 -28.76 -1.78 -23.63
C PHE C 153 -28.21 -3.18 -23.55
N PRO C 154 -26.94 -3.37 -23.15
CA PRO C 154 -25.99 -2.33 -22.78
C PRO C 154 -25.20 -1.76 -23.95
N GLU C 155 -24.11 -1.06 -23.63
CA GLU C 155 -23.28 -0.40 -24.63
C GLU C 155 -22.46 -1.44 -25.39
N SER C 156 -21.57 -0.97 -26.27
CA SER C 156 -20.90 -1.78 -27.30
C SER C 156 -21.91 -2.34 -28.31
N VAL C 157 -22.39 -1.43 -29.14
CA VAL C 157 -22.97 -1.76 -30.45
C VAL C 157 -21.90 -1.48 -31.51
N THR C 158 -21.83 -2.34 -32.52
CA THR C 158 -20.89 -2.16 -33.62
C THR C 158 -21.64 -1.92 -34.93
N VAL C 159 -21.28 -0.85 -35.63
CA VAL C 159 -21.96 -0.46 -36.86
C VAL C 159 -20.95 -0.45 -37.98
N THR C 160 -21.22 -1.20 -39.04
CA THR C 160 -20.38 -1.21 -40.23
C THR C 160 -21.24 -0.99 -41.48
N TRP C 161 -20.61 -0.52 -42.54
CA TRP C 161 -21.31 -0.19 -43.77
C TRP C 161 -20.83 -1.13 -44.88
N ASN C 162 -21.77 -1.84 -45.49
CA ASN C 162 -21.48 -2.87 -46.49
C ASN C 162 -20.45 -3.87 -45.95
N SER C 163 -20.75 -4.41 -44.78
CA SER C 163 -19.95 -5.46 -44.12
C SER C 163 -18.51 -5.03 -43.89
N GLY C 164 -18.24 -3.73 -43.91
CA GLY C 164 -16.90 -3.21 -43.72
C GLY C 164 -16.27 -2.63 -44.97
N SER C 165 -16.88 -2.84 -46.14
CA SER C 165 -16.27 -2.37 -47.38
C SER C 165 -16.23 -0.84 -47.44
N LEU C 166 -17.27 -0.19 -46.93
CA LEU C 166 -17.29 1.27 -46.83
C LEU C 166 -16.70 1.66 -45.48
N SER C 167 -15.49 2.22 -45.50
CA SER C 167 -14.80 2.61 -44.27
C SER C 167 -14.33 4.05 -44.34
N SER C 168 -14.03 4.53 -45.56
CA SER C 168 -13.36 5.81 -45.72
C SER C 168 -14.22 6.96 -45.23
N SER C 169 -15.45 7.06 -45.72
CA SER C 169 -16.33 8.21 -45.46
C SER C 169 -17.32 7.92 -44.33
N VAL C 170 -16.93 7.14 -43.34
CA VAL C 170 -17.83 6.74 -42.26
C VAL C 170 -17.53 7.58 -41.02
N HIS C 171 -18.60 8.06 -40.38
CA HIS C 171 -18.56 8.71 -39.08
C HIS C 171 -19.46 7.92 -38.14
N THR C 172 -18.95 7.58 -36.97
CA THR C 172 -19.72 6.87 -35.95
C THR C 172 -19.81 7.75 -34.72
N PHE C 173 -21.04 8.06 -34.30
CA PHE C 173 -21.08 9.00 -33.18
C PHE C 173 -21.31 8.26 -31.87
N PRO C 174 -20.64 8.68 -30.80
CA PRO C 174 -20.79 7.99 -29.51
C PRO C 174 -22.23 8.03 -29.03
N ALA C 175 -22.59 7.00 -28.26
CA ALA C 175 -23.96 6.83 -27.82
C ALA C 175 -24.23 7.68 -26.59
N LEU C 176 -25.50 7.99 -26.37
CA LEU C 176 -25.93 8.78 -25.23
C LEU C 176 -27.18 8.15 -24.63
N LEU C 177 -27.38 8.40 -23.35
CA LEU C 177 -28.56 7.90 -22.66
C LEU C 177 -29.79 8.71 -23.04
N GLN C 178 -30.92 8.01 -23.16
CA GLN C 178 -32.19 8.59 -23.56
C GLN C 178 -33.26 7.63 -23.09
N SER C 179 -34.15 8.09 -22.20
CA SER C 179 -35.20 7.25 -21.63
C SER C 179 -34.61 6.00 -20.98
N GLY C 180 -33.39 6.12 -20.46
CA GLY C 180 -32.72 5.01 -19.80
C GLY C 180 -32.06 4.01 -20.72
N LEU C 181 -32.04 4.25 -22.03
CA LEU C 181 -31.42 3.34 -22.98
C LEU C 181 -30.49 4.11 -23.89
N TYR C 182 -29.60 3.41 -24.56
CA TYR C 182 -28.59 4.09 -25.37
C TYR C 182 -29.08 4.36 -26.78
N THR C 183 -28.56 5.43 -27.36
CA THR C 183 -28.84 5.77 -28.74
C THR C 183 -27.57 6.26 -29.39
N MET C 184 -27.37 5.89 -30.65
CA MET C 184 -26.21 6.33 -31.42
C MET C 184 -26.62 6.43 -32.88
N SER C 185 -25.68 6.88 -33.71
CA SER C 185 -25.94 7.00 -35.13
C SER C 185 -24.64 6.85 -35.90
N SER C 186 -24.79 6.57 -37.19
CA SER C 186 -23.66 6.41 -38.08
C SER C 186 -24.01 7.03 -39.41
N SER C 187 -23.01 7.60 -40.07
CA SER C 187 -23.18 8.22 -41.38
C SER C 187 -22.07 7.73 -42.31
N VAL C 188 -22.42 7.63 -43.58
CA VAL C 188 -21.48 7.30 -44.64
C VAL C 188 -21.78 8.24 -45.80
N THR C 189 -20.77 8.50 -46.63
CA THR C 189 -20.93 9.39 -47.77
C THR C 189 -20.43 8.69 -49.02
N VAL C 190 -21.22 8.76 -50.08
CA VAL C 190 -20.82 8.15 -51.35
C VAL C 190 -21.11 9.15 -52.48
N PRO C 191 -20.46 8.98 -53.63
CA PRO C 191 -20.86 9.78 -54.79
C PRO C 191 -22.34 9.59 -55.10
N SER C 192 -22.98 10.67 -55.54
CA SER C 192 -24.42 10.61 -55.82
C SER C 192 -24.72 9.61 -56.92
N SER C 193 -23.86 9.53 -57.94
CA SER C 193 -24.08 8.63 -59.06
C SER C 193 -24.06 7.17 -58.64
N THR C 194 -23.49 6.85 -57.48
CA THR C 194 -23.31 5.46 -57.07
C THR C 194 -24.47 4.93 -56.23
N TRP C 195 -25.35 5.80 -55.73
CA TRP C 195 -26.47 5.37 -54.90
C TRP C 195 -27.76 5.90 -55.48
N PRO C 196 -28.82 5.07 -55.57
CA PRO C 196 -28.95 3.72 -55.01
C PRO C 196 -28.50 2.62 -55.97
N SER C 197 -27.81 2.99 -57.04
CA SER C 197 -27.42 2.02 -58.06
C SER C 197 -26.53 0.94 -57.48
N GLN C 198 -25.62 1.32 -56.58
CA GLN C 198 -24.77 0.37 -55.87
C GLN C 198 -25.22 0.34 -54.41
N THR C 199 -25.66 -0.84 -53.96
CA THR C 199 -26.31 -0.98 -52.66
C THR C 199 -25.45 -0.40 -51.55
N VAL C 200 -26.09 0.26 -50.59
CA VAL C 200 -25.47 0.66 -49.33
C VAL C 200 -26.31 0.09 -48.19
N THR C 201 -25.67 -0.68 -47.32
CA THR C 201 -26.33 -1.37 -46.22
C THR C 201 -25.55 -1.13 -44.95
N CYS C 202 -26.25 -0.82 -43.86
CA CYS C 202 -25.64 -0.72 -42.55
C CYS C 202 -25.96 -1.94 -41.70
N SER C 203 -24.95 -2.46 -41.02
CA SER C 203 -25.03 -3.65 -40.19
C SER C 203 -24.74 -3.24 -38.75
N VAL C 204 -25.77 -3.33 -37.90
CA VAL C 204 -25.65 -3.08 -36.47
C VAL C 204 -25.56 -4.42 -35.75
N ALA C 205 -24.63 -4.53 -34.82
CA ALA C 205 -24.33 -5.78 -34.12
C ALA C 205 -24.30 -5.52 -32.62
N HIS C 206 -25.23 -6.17 -31.90
CA HIS C 206 -25.34 -6.07 -30.45
C HIS C 206 -25.02 -7.45 -29.90
N PRO C 207 -23.76 -7.72 -29.56
CA PRO C 207 -23.41 -9.01 -28.96
C PRO C 207 -24.26 -9.36 -27.74
N ALA C 208 -24.53 -8.37 -26.89
CA ALA C 208 -25.18 -8.64 -25.61
C ALA C 208 -26.57 -9.24 -25.80
N SER C 209 -27.31 -8.79 -26.80
CA SER C 209 -28.59 -9.38 -27.13
C SER C 209 -28.48 -10.42 -28.25
N SER C 210 -27.25 -10.83 -28.58
CA SER C 210 -27.02 -11.84 -29.62
C SER C 210 -27.72 -11.47 -30.93
N THR C 211 -27.78 -10.18 -31.24
CA THR C 211 -28.60 -9.72 -32.34
C THR C 211 -27.77 -8.95 -33.37
N THR C 212 -28.09 -9.15 -34.65
CA THR C 212 -27.58 -8.30 -35.70
C THR C 212 -28.73 -7.89 -36.59
N VAL C 213 -28.78 -6.62 -36.94
CA VAL C 213 -29.79 -6.08 -37.85
C VAL C 213 -29.06 -5.46 -39.03
N ASP C 214 -29.40 -5.92 -40.23
CA ASP C 214 -28.93 -5.29 -41.47
C ASP C 214 -30.08 -4.51 -42.07
N LYS C 215 -29.82 -3.24 -42.35
CA LYS C 215 -30.81 -2.38 -43.01
C LYS C 215 -30.19 -1.83 -44.28
N LYS C 216 -30.86 -2.05 -45.40
CA LYS C 216 -30.39 -1.57 -46.70
C LYS C 216 -31.10 -0.26 -47.02
N LEU C 217 -30.32 0.80 -47.20
CA LEU C 217 -30.88 2.13 -47.39
C LEU C 217 -31.49 2.26 -48.78
N GLU C 218 -32.68 2.82 -48.85
CA GLU C 218 -33.43 2.99 -50.08
C GLU C 218 -33.98 4.40 -50.15
N PRO C 219 -34.18 4.93 -51.35
CA PRO C 219 -34.55 6.35 -51.49
C PRO C 219 -35.87 6.69 -50.83
N SER C 220 -36.18 7.99 -50.84
CA SER C 220 -37.44 8.54 -50.36
C SER C 220 -37.64 8.25 -48.87
#